data_2TBV
#
_entry.id   2TBV
#
_cell.length_a   383.200
_cell.length_b   383.200
_cell.length_c   383.200
_cell.angle_alpha   90.00
_cell.angle_beta   90.00
_cell.angle_gamma   90.00
#
_symmetry.space_group_name_H-M   'I 2 3'
#
loop_
_entity.id
_entity.type
_entity.pdbx_description
1 polymer 'TOMATO BUSHY STUNT VIRUS'
2 non-polymer 'CALCIUM ION'
#
_entity_poly.entity_id   1
_entity_poly.type   'polypeptide(L)'
_entity_poly.pdbx_seq_one_letter_code
;AMTTRNNNNVLAVSKKQLGVLAASAAVGALRNYIGESSPALLQSAVGLGKKALNKVRNRRKQGNQQIITHVGGVGGSIMA
PVAVSRQLVGSKPKFTGRTSGGVTVTSHREYLTQVNNSSGFVVNGGIVGNSLQLNPSNGTLFSWLPALASNFDQYSFNSV
VLDYVPLCGTTEVGRVALYFDKDSQDPEPADRVELANFGVLKETAPWAEAMLRIPTDKVKRYCNDSATVDQKLIDLGQLG
IATYGGAGADAVGELFLARSVTLYFPQPTNTLLSSKRLDLTGSLADATGPGYLVLTRTPTVLTHTFRATGTFNLSGGLRC
LTSLTLGATGAVVINDILAIDNVGTASDYFLNCTVSSLPATVTFTVSGVAAGILLVGRARANVVNLL
;
_entity_poly.pdbx_strand_id   A,B,C
#
loop_
_chem_comp.id
_chem_comp.type
_chem_comp.name
_chem_comp.formula
CA non-polymer 'CALCIUM ION' 'Ca 2'
#
# COMPACT_ATOMS: atom_id res chain seq x y z
C GLY A 101 28.21 5.11 3.60
N GLY A 102 28.70 6.07 4.38
CA GLY A 102 27.98 7.35 4.58
C GLY A 102 26.72 7.01 5.43
N VAL A 103 26.94 6.19 6.44
CA VAL A 103 25.83 5.83 7.34
C VAL A 103 25.87 6.28 8.80
N THR A 104 24.95 7.19 9.04
CA THR A 104 25.08 8.12 10.18
C THR A 104 24.38 7.41 11.38
N VAL A 105 24.94 7.63 12.56
CA VAL A 105 24.25 7.26 13.80
C VAL A 105 24.07 8.34 14.95
N THR A 106 22.83 8.33 15.39
CA THR A 106 22.25 9.53 16.02
C THR A 106 22.03 8.76 17.34
N SER A 107 22.34 9.43 18.43
CA SER A 107 21.56 8.91 19.77
C SER A 107 21.31 10.19 20.54
N HIS A 108 20.06 10.63 20.47
CA HIS A 108 19.68 11.88 21.15
C HIS A 108 18.30 11.68 21.92
N ARG A 109 17.95 12.75 22.62
CA ARG A 109 16.89 12.88 23.57
C ARG A 109 16.07 14.10 23.14
N GLU A 110 14.96 13.84 22.51
CA GLU A 110 13.99 14.84 22.06
C GLU A 110 12.72 14.85 22.93
N TYR A 111 12.28 16.04 23.27
CA TYR A 111 11.02 16.32 24.00
C TYR A 111 9.83 15.85 23.18
N LEU A 112 8.65 15.68 23.78
CA LEU A 112 7.52 15.07 23.09
C LEU A 112 6.15 15.56 23.34
N THR A 113 5.62 15.65 24.54
CA THR A 113 4.34 16.33 24.80
C THR A 113 4.16 16.56 26.30
N GLN A 114 3.18 17.41 26.60
CA GLN A 114 2.88 17.74 28.04
C GLN A 114 1.57 17.00 28.34
N VAL A 115 1.68 16.02 29.23
CA VAL A 115 0.23 15.25 29.46
C VAL A 115 -0.62 15.94 30.53
N ASN A 116 -1.76 16.35 30.02
CA ASN A 116 -2.93 16.84 30.77
C ASN A 116 -3.76 15.64 31.30
N ASN A 117 -4.38 15.83 32.45
CA ASN A 117 -5.45 14.79 32.87
C ASN A 117 -6.84 14.70 32.15
N SER A 118 -7.49 13.62 32.50
CA SER A 118 -8.96 13.53 32.36
C SER A 118 -9.55 12.82 33.57
N SER A 119 -10.87 12.84 33.66
CA SER A 119 -11.58 12.01 34.65
C SER A 119 -11.59 10.86 33.64
N GLY A 120 -11.84 11.20 32.39
CA GLY A 120 -12.72 10.30 31.57
C GLY A 120 -11.86 9.10 31.17
N PHE A 121 -11.30 9.15 29.98
CA PHE A 121 -10.30 8.16 29.57
C PHE A 121 -9.78 8.79 28.27
N VAL A 122 -8.61 9.41 28.40
CA VAL A 122 -7.94 9.93 27.18
C VAL A 122 -6.63 9.29 26.73
N VAL A 123 -6.35 9.40 25.44
CA VAL A 123 -5.12 8.84 24.88
C VAL A 123 -4.44 10.24 24.18
N ASN A 124 -3.25 9.89 23.71
CA ASN A 124 -2.52 10.82 22.79
C ASN A 124 -3.48 11.93 22.36
N GLY A 125 -4.17 12.49 23.34
CA GLY A 125 -4.57 13.89 23.28
C GLY A 125 -6.05 13.61 23.55
N GLY A 126 -6.45 12.39 23.24
CA GLY A 126 -7.89 12.06 23.25
C GLY A 126 -7.84 12.54 21.87
N ILE A 127 -6.69 12.50 21.21
CA ILE A 127 -6.65 12.23 19.77
C ILE A 127 -6.13 11.28 18.69
N VAL A 128 -6.65 11.44 17.49
CA VAL A 128 -7.05 10.05 16.95
C VAL A 128 -6.32 9.90 15.61
N GLY A 129 -6.31 8.69 15.09
CA GLY A 129 -5.63 8.41 13.82
C GLY A 129 -4.16 8.20 14.18
N ASN A 130 -3.82 6.97 14.52
CA ASN A 130 -2.50 6.67 15.09
C ASN A 130 -1.42 7.76 15.10
N SER A 131 -1.79 8.94 15.55
CA SER A 131 -0.86 10.07 15.61
C SER A 131 0.57 9.54 15.80
N LEU A 132 0.80 8.94 16.96
CA LEU A 132 2.29 9.00 17.30
C LEU A 132 3.36 8.18 16.50
N GLN A 133 2.89 7.30 15.65
CA GLN A 133 3.78 6.37 14.93
C GLN A 133 5.29 6.57 14.99
N LEU A 134 5.97 5.63 15.61
CA LEU A 134 7.44 5.66 15.68
C LEU A 134 8.26 5.44 14.40
N ASN A 135 8.18 6.40 13.51
CA ASN A 135 9.06 6.40 12.33
C ASN A 135 9.86 7.49 12.14
N PRO A 136 11.06 7.98 11.94
CA PRO A 136 11.33 9.42 12.10
C PRO A 136 11.35 10.19 10.79
N SER A 137 10.16 10.59 10.35
CA SER A 137 9.36 11.33 10.53
C SER A 137 7.83 11.42 10.54
N ASN A 138 7.30 11.72 11.71
CA ASN A 138 6.60 11.84 12.36
C ASN A 138 6.57 13.31 12.79
N GLY A 139 7.25 14.14 12.02
CA GLY A 139 7.20 15.58 12.24
C GLY A 139 6.33 15.85 13.47
N THR A 140 5.27 15.07 13.58
CA THR A 140 4.47 15.08 14.80
C THR A 140 5.06 14.61 16.13
N LEU A 141 5.75 13.48 16.06
CA LEU A 141 6.54 13.02 17.21
C LEU A 141 7.95 13.58 17.45
N PHE A 142 8.81 13.39 16.45
CA PHE A 142 10.24 13.80 16.54
C PHE A 142 10.49 15.21 16.03
N SER A 143 10.47 16.17 16.95
CA SER A 143 10.79 17.56 16.59
C SER A 143 12.22 17.94 16.21
N TRP A 144 13.12 16.98 16.38
CA TRP A 144 14.55 17.25 16.14
C TRP A 144 15.17 16.38 15.05
N LEU A 145 15.07 15.08 15.23
CA LEU A 145 15.27 14.14 14.12
C LEU A 145 14.56 14.38 12.78
N PRO A 146 13.53 15.19 12.83
CA PRO A 146 12.82 15.60 11.59
C PRO A 146 13.62 15.82 10.30
N ALA A 147 14.58 16.72 10.37
CA ALA A 147 15.26 17.20 9.16
C ALA A 147 16.70 16.72 9.15
N LEU A 148 16.89 15.46 9.51
CA LEU A 148 18.22 14.85 9.46
C LEU A 148 17.98 13.63 8.58
N ALA A 149 17.04 12.80 9.00
CA ALA A 149 16.59 11.61 8.28
C ALA A 149 15.74 11.93 7.05
N SER A 150 15.91 13.14 6.53
CA SER A 150 14.99 13.67 5.52
C SER A 150 16.03 13.73 4.40
N ASN A 151 17.27 13.47 4.75
CA ASN A 151 18.33 13.29 3.75
C ASN A 151 18.60 11.80 3.58
N PHE A 152 17.73 11.00 4.17
CA PHE A 152 17.88 9.54 4.08
C PHE A 152 16.63 8.68 3.86
N ASP A 153 16.87 7.42 3.52
CA ASP A 153 15.78 6.55 3.05
C ASP A 153 15.43 5.26 3.80
N GLN A 154 16.35 4.84 4.66
CA GLN A 154 16.14 3.65 5.44
C GLN A 154 16.49 4.09 6.87
N TYR A 155 15.69 3.61 7.81
CA TYR A 155 15.87 4.05 9.19
C TYR A 155 16.02 2.74 9.98
N SER A 156 16.71 2.84 11.09
CA SER A 156 16.73 1.72 12.05
C SER A 156 17.31 2.10 13.42
N PHE A 157 16.60 1.71 14.46
CA PHE A 157 16.78 2.33 15.76
C PHE A 157 17.77 1.36 16.39
N ASN A 158 18.01 1.55 17.68
CA ASN A 158 18.84 0.61 18.44
C ASN A 158 18.34 0.75 19.87
N SER A 159 17.94 1.95 20.22
CA SER A 159 17.40 2.22 21.57
C SER A 159 16.32 3.28 21.35
N VAL A 160 15.21 3.10 22.02
CA VAL A 160 14.22 4.17 22.16
C VAL A 160 13.59 3.86 23.52
N VAL A 161 13.45 4.88 24.34
CA VAL A 161 13.07 4.70 25.74
C VAL A 161 12.10 5.87 25.93
N LEU A 162 10.98 5.58 26.56
CA LEU A 162 10.05 6.67 26.95
C LEU A 162 10.50 7.10 28.35
N ASP A 163 10.52 8.40 28.55
CA ASP A 163 10.90 8.94 29.87
C ASP A 163 9.66 9.73 30.31
N TYR A 164 9.26 9.49 31.55
CA TYR A 164 8.22 10.33 32.18
C TYR A 164 8.48 11.06 33.50
N VAL A 165 8.75 12.35 33.39
CA VAL A 165 9.12 13.16 34.56
C VAL A 165 7.74 13.71 34.95
N PRO A 166 7.73 14.47 36.02
CA PRO A 166 6.48 15.10 36.49
C PRO A 166 6.49 16.50 37.08
N LEU A 167 5.84 17.42 36.39
CA LEU A 167 5.64 18.78 36.94
C LEU A 167 4.66 18.95 38.10
N CYS A 168 3.68 18.07 38.17
CA CYS A 168 2.68 18.13 39.24
C CYS A 168 3.19 17.74 40.63
N GLY A 169 2.26 17.58 41.55
CA GLY A 169 2.62 17.26 42.94
C GLY A 169 1.94 16.10 43.66
N THR A 170 2.66 15.53 44.61
CA THR A 170 2.20 14.29 45.26
C THR A 170 0.77 14.24 45.83
N THR A 171 -0.11 14.98 45.21
CA THR A 171 -1.50 15.09 45.71
C THR A 171 -2.48 15.24 44.55
N GLU A 172 -1.95 15.23 43.35
CA GLU A 172 -2.95 15.17 41.98
C GLU A 172 -3.54 13.77 42.21
N VAL A 173 -4.50 13.43 41.37
CA VAL A 173 -5.21 12.15 41.52
C VAL A 173 -5.58 11.56 40.16
N GLY A 174 -4.70 10.70 39.67
CA GLY A 174 -4.84 10.19 38.29
C GLY A 174 -3.96 9.04 37.81
N ARG A 175 -3.92 8.86 36.51
CA ARG A 175 -3.12 7.78 35.92
C ARG A 175 -2.45 8.37 34.67
N VAL A 176 -1.20 8.01 34.48
CA VAL A 176 -0.55 8.26 33.18
C VAL A 176 -0.30 6.82 32.78
N ALA A 177 -0.06 6.61 31.50
CA ALA A 177 0.37 5.29 31.00
C ALA A 177 0.92 5.15 29.59
N LEU A 178 2.20 4.87 29.51
CA LEU A 178 2.85 4.61 28.21
C LEU A 178 2.98 3.18 27.70
N TYR A 179 2.45 2.95 26.50
CA TYR A 179 2.54 1.63 25.87
C TYR A 179 3.16 1.51 24.48
N PHE A 180 3.18 0.29 23.97
CA PHE A 180 3.76 0.03 22.65
C PHE A 180 3.12 -1.02 21.72
N ASP A 181 2.42 -0.54 20.72
CA ASP A 181 1.82 -1.43 19.72
C ASP A 181 2.72 -1.63 18.52
N LYS A 182 3.11 -2.87 18.29
CA LYS A 182 3.84 -3.20 17.03
C LYS A 182 3.19 -2.97 15.67
N ASP A 183 1.87 -2.81 15.69
CA ASP A 183 1.18 -2.42 14.52
C ASP A 183 0.86 -0.95 14.35
N SER A 184 1.86 -0.20 13.88
CA SER A 184 1.63 1.20 13.53
C SER A 184 0.22 1.61 13.11
N GLN A 185 -0.64 0.60 12.97
CA GLN A 185 -1.95 0.82 12.35
C GLN A 185 -3.22 0.43 13.12
N ASP A 186 -3.08 -0.51 14.02
CA ASP A 186 -4.20 -0.93 14.87
C ASP A 186 -4.72 0.41 15.40
N PRO A 187 -5.89 0.36 16.00
CA PRO A 187 -6.61 1.59 16.37
C PRO A 187 -6.21 1.73 17.83
N GLU A 188 -6.85 2.66 18.51
CA GLU A 188 -6.43 3.03 19.86
C GLU A 188 -7.15 2.42 21.08
N PRO A 189 -6.50 2.53 22.22
CA PRO A 189 -7.14 2.14 23.48
C PRO A 189 -8.57 2.63 23.81
N ALA A 190 -9.48 1.69 23.86
CA ALA A 190 -10.83 1.96 24.37
C ALA A 190 -11.05 2.31 25.85
N ASP A 191 -10.52 1.47 26.72
CA ASP A 191 -10.82 1.57 28.15
C ASP A 191 -9.66 1.16 29.07
N ARG A 192 -9.98 1.05 30.35
CA ARG A 192 -9.04 0.46 31.31
C ARG A 192 -8.45 -0.93 31.03
N VAL A 193 -9.32 -1.85 30.72
CA VAL A 193 -8.92 -3.28 30.64
C VAL A 193 -8.09 -3.52 29.37
N GLU A 194 -8.27 -2.66 28.40
CA GLU A 194 -7.55 -2.77 27.12
C GLU A 194 -6.12 -2.24 27.19
N LEU A 195 -5.96 -1.12 27.86
CA LEU A 195 -4.66 -0.45 27.89
C LEU A 195 -3.79 -1.51 28.55
N ALA A 196 -4.22 -1.97 29.70
CA ALA A 196 -3.38 -2.87 30.52
C ALA A 196 -2.87 -4.18 29.93
N ASN A 197 -3.54 -4.64 28.90
CA ASN A 197 -3.16 -5.90 28.25
C ASN A 197 -2.00 -5.94 27.26
N PHE A 198 -1.66 -4.78 26.75
CA PHE A 198 -0.38 -4.60 26.05
C PHE A 198 0.91 -5.19 26.65
N GLY A 199 1.66 -5.86 25.81
CA GLY A 199 3.02 -6.29 26.19
C GLY A 199 3.99 -5.28 26.81
N VAL A 200 4.34 -4.27 26.03
CA VAL A 200 5.15 -3.17 26.54
C VAL A 200 4.47 -1.90 27.13
N LEU A 201 3.78 -2.12 28.23
CA LEU A 201 3.18 -1.00 28.99
C LEU A 201 3.71 -0.64 30.37
N LYS A 202 3.48 0.61 30.76
CA LYS A 202 3.78 1.03 32.13
C LYS A 202 2.63 1.78 32.79
N GLU A 203 2.41 1.50 34.06
CA GLU A 203 1.26 2.05 34.78
C GLU A 203 1.67 2.85 36.02
N THR A 204 1.69 4.16 35.86
CA THR A 204 2.11 5.05 36.96
C THR A 204 1.09 6.09 37.38
N ALA A 205 1.15 6.43 38.65
CA ALA A 205 0.38 7.59 39.14
C ALA A 205 0.91 8.67 38.21
N PRO A 206 0.42 9.88 38.42
CA PRO A 206 0.95 11.04 37.70
C PRO A 206 2.17 11.67 38.37
N TRP A 207 2.02 11.97 39.65
CA TRP A 207 3.16 12.46 40.44
C TRP A 207 4.45 11.68 40.51
N ALA A 208 4.33 10.36 40.41
CA ALA A 208 5.51 9.49 40.38
C ALA A 208 6.21 9.13 39.05
N GLU A 209 7.48 8.81 39.14
CA GLU A 209 8.38 8.98 37.98
C GLU A 209 8.53 7.64 37.27
N ALA A 210 8.46 7.69 35.95
CA ALA A 210 8.25 6.46 35.17
C ALA A 210 9.11 6.18 33.93
N MET A 211 9.20 4.92 33.58
CA MET A 211 9.96 4.62 32.41
C MET A 211 9.40 3.57 31.45
N LEU A 212 9.82 3.69 30.20
CA LEU A 212 9.56 2.62 29.22
C LEU A 212 10.57 2.47 28.07
N ARG A 213 11.04 1.25 27.89
CA ARG A 213 12.04 0.97 26.84
C ARG A 213 11.35 0.17 25.74
N ILE A 214 11.76 0.43 24.52
CA ILE A 214 11.05 -0.11 23.35
C ILE A 214 11.71 -1.17 22.47
N PRO A 215 10.94 -2.18 22.13
CA PRO A 215 11.49 -3.38 21.48
C PRO A 215 11.83 -3.08 20.01
N THR A 216 13.12 -2.96 19.75
CA THR A 216 13.58 -2.57 18.41
C THR A 216 14.13 -3.76 17.66
N ASP A 217 13.65 -3.97 16.45
CA ASP A 217 14.22 -4.99 15.57
C ASP A 217 15.34 -4.24 14.85
N LYS A 218 15.96 -4.92 13.89
CA LYS A 218 16.94 -4.26 13.02
C LYS A 218 16.58 -4.44 11.54
N VAL A 219 15.29 -4.31 11.26
CA VAL A 219 14.77 -4.67 9.93
C VAL A 219 15.04 -3.36 9.18
N LYS A 220 15.45 -3.50 7.94
CA LYS A 220 15.42 -2.36 7.00
C LYS A 220 14.38 -1.53 6.43
N ARG A 221 13.91 -0.59 7.23
CA ARG A 221 12.50 -0.18 7.18
C ARG A 221 12.60 1.14 6.43
N TYR A 222 11.56 1.47 5.71
CA TYR A 222 11.51 2.73 4.96
C TYR A 222 10.86 3.97 5.59
N CYS A 223 11.44 5.12 5.30
CA CYS A 223 10.84 6.40 5.72
C CYS A 223 9.77 6.86 4.73
N ASN A 224 8.99 7.84 5.15
CA ASN A 224 7.83 8.26 4.37
C ASN A 224 7.96 9.41 3.37
N ASP A 225 8.75 9.16 2.34
CA ASP A 225 8.93 10.17 1.28
C ASP A 225 8.09 10.03 0.04
N SER A 226 8.11 8.83 -0.51
CA SER A 226 6.91 8.27 -1.14
C SER A 226 5.85 7.57 -0.29
N ALA A 227 4.64 7.52 -0.83
CA ALA A 227 3.64 7.13 0.26
C ALA A 227 3.06 5.72 0.10
N THR A 228 2.58 5.19 1.21
CA THR A 228 2.61 3.85 1.51
C THR A 228 1.42 3.77 2.45
N VAL A 229 0.35 3.15 1.98
CA VAL A 229 -0.87 3.02 2.79
C VAL A 229 -0.80 1.98 3.92
N ASP A 230 0.12 1.04 3.78
CA ASP A 230 0.27 -0.02 4.78
C ASP A 230 1.29 0.46 5.81
N GLN A 231 1.16 1.71 6.20
CA GLN A 231 1.98 2.24 7.31
C GLN A 231 2.55 1.30 8.36
N LYS A 232 2.00 0.09 8.40
CA LYS A 232 2.54 -0.94 9.27
C LYS A 232 3.81 -1.70 8.87
N LEU A 233 3.83 -2.15 7.63
CA LEU A 233 5.05 -2.69 7.04
C LEU A 233 6.30 -1.79 6.87
N ILE A 234 6.14 -0.54 7.26
CA ILE A 234 7.24 0.42 7.19
C ILE A 234 7.58 1.04 8.56
N ASP A 235 6.54 1.38 9.29
CA ASP A 235 6.71 1.80 10.68
C ASP A 235 7.18 0.80 11.74
N LEU A 236 8.15 1.23 12.53
CA LEU A 236 8.56 0.45 13.71
C LEU A 236 7.52 0.07 14.77
N GLY A 237 6.94 1.09 15.38
CA GLY A 237 5.78 0.85 16.28
C GLY A 237 4.72 1.96 16.35
N GLN A 238 3.83 1.84 17.31
CA GLN A 238 2.87 2.91 17.60
C GLN A 238 3.46 3.25 19.15
N LEU A 239 3.18 4.48 19.54
CA LEU A 239 3.38 4.88 20.94
C LEU A 239 2.09 5.41 21.57
N GLY A 240 1.74 4.84 22.69
CA GLY A 240 0.65 5.39 23.52
C GLY A 240 0.97 6.13 24.82
N ILE A 241 0.10 7.05 25.18
CA ILE A 241 0.19 7.70 26.49
C ILE A 241 -1.30 7.84 26.81
N ALA A 242 -1.67 7.40 28.01
CA ALA A 242 -3.09 7.29 28.36
C ALA A 242 -3.32 7.68 29.83
N THR A 243 -4.40 8.41 30.06
CA THR A 243 -4.63 8.97 31.43
C THR A 243 -6.10 8.63 31.62
N TYR A 244 -6.40 7.96 32.71
CA TYR A 244 -7.76 7.97 33.25
C TYR A 244 -7.87 8.37 34.72
N GLY A 245 -9.10 8.50 35.19
CA GLY A 245 -9.35 8.68 36.63
C GLY A 245 -8.91 9.97 37.32
N GLY A 246 -8.72 11.00 36.52
CA GLY A 246 -8.28 12.30 37.05
C GLY A 246 -9.21 13.04 38.03
N ALA A 247 -9.11 14.35 38.01
CA ALA A 247 -10.24 15.20 38.43
C ALA A 247 -10.37 16.45 37.56
N GLY A 248 -9.39 16.67 36.72
CA GLY A 248 -9.38 17.85 35.84
C GLY A 248 -8.33 17.61 34.74
N ALA A 249 -8.54 18.24 33.61
CA ALA A 249 -7.72 17.96 32.43
C ALA A 249 -6.63 19.02 32.46
N ASP A 250 -5.97 19.13 33.60
CA ASP A 250 -4.76 19.95 33.71
C ASP A 250 -3.48 19.13 33.55
N ALA A 251 -2.35 19.80 33.70
CA ALA A 251 -1.05 19.17 33.41
C ALA A 251 -0.27 18.62 34.61
N VAL A 252 0.32 17.46 34.40
CA VAL A 252 0.92 16.72 35.52
C VAL A 252 2.25 16.20 34.99
N GLY A 253 2.31 16.00 33.68
CA GLY A 253 3.45 15.29 33.07
C GLY A 253 4.00 15.80 31.76
N GLU A 254 5.29 15.62 31.55
CA GLU A 254 5.93 16.03 30.29
C GLU A 254 6.88 14.86 30.09
N LEU A 255 6.81 14.27 28.90
CA LEU A 255 7.36 13.01 28.57
C LEU A 255 8.47 13.37 27.58
N PHE A 256 9.51 12.59 27.64
CA PHE A 256 10.62 12.66 26.65
C PHE A 256 10.94 11.45 25.77
N LEU A 257 11.84 11.62 24.84
CA LEU A 257 12.22 10.62 23.85
C LEU A 257 13.69 10.30 23.70
N ALA A 258 14.09 9.19 24.31
CA ALA A 258 15.45 8.65 24.19
C ALA A 258 15.87 7.92 22.91
N ARG A 259 16.66 8.60 22.10
CA ARG A 259 16.89 8.14 20.72
C ARG A 259 18.20 7.46 20.35
N SER A 260 18.12 6.55 19.40
CA SER A 260 19.33 5.95 18.81
C SER A 260 19.04 5.38 17.42
N VAL A 261 19.40 6.15 16.41
CA VAL A 261 19.03 5.80 15.03
C VAL A 261 20.10 5.72 13.94
N THR A 262 19.91 4.79 13.03
CA THR A 262 20.94 4.47 12.04
C THR A 262 20.40 4.88 10.67
N LEU A 263 21.08 5.83 10.05
CA LEU A 263 20.55 6.47 8.84
C LEU A 263 21.34 5.72 7.77
N TYR A 264 20.78 5.67 6.58
CA TYR A 264 21.33 4.83 5.52
C TYR A 264 21.03 5.60 4.23
N PHE A 265 21.29 4.95 3.11
CA PHE A 265 21.26 5.65 1.82
C PHE A 265 20.75 7.09 1.72
N PRO A 266 21.69 8.00 1.58
CA PRO A 266 21.34 9.42 1.44
C PRO A 266 21.24 10.06 0.05
N GLN A 267 20.19 10.83 -0.19
CA GLN A 267 20.08 11.61 -1.45
C GLN A 267 19.56 13.05 -1.42
N PRO A 268 18.34 13.20 -0.96
CA PRO A 268 17.72 14.52 -0.87
C PRO A 268 16.83 14.87 0.32
N THR A 269 17.41 15.55 1.29
CA THR A 269 16.63 16.12 2.41
C THR A 269 15.24 16.11 1.77
N ASN A 270 14.24 15.84 2.59
CA ASN A 270 12.85 15.71 2.10
C ASN A 270 12.07 16.99 1.79
N THR A 271 11.71 17.70 2.84
CA THR A 271 11.15 19.05 2.69
C THR A 271 10.89 19.91 3.92
N LEU A 272 11.68 19.68 4.96
CA LEU A 272 11.52 20.44 6.21
C LEU A 272 10.58 21.62 6.05
N LEU A 273 10.01 21.75 4.87
CA LEU A 273 9.05 22.83 4.60
C LEU A 273 8.01 23.29 4.29
C LEU A 273 7.74 22.36 3.97
N SER A 274 6.91 23.47 5.01
N SER A 274 6.66 23.02 4.35
CA SER A 274 5.62 22.91 4.58
CA SER A 274 5.31 22.51 4.03
C SER A 274 4.71 23.73 3.64
C SER A 274 4.48 23.64 3.44
N SER A 275 4.05 23.01 2.74
N SER A 275 3.54 23.25 2.58
CA SER A 275 3.29 23.60 1.62
C SER A 275 1.89 23.04 1.84
N LYS A 276 0.89 23.91 1.94
CA LYS A 276 -0.48 23.41 2.17
C LYS A 276 -1.66 24.13 1.56
N ARG A 277 -2.09 23.60 0.43
CA ARG A 277 -3.15 24.24 -0.37
C ARG A 277 -4.58 23.87 -0.08
N LEU A 278 -5.41 24.87 0.15
CA LEU A 278 -6.86 24.65 0.20
C LEU A 278 -7.39 25.02 -1.34
N ASP A 279 -8.11 24.03 -1.85
CA ASP A 279 -8.96 24.25 -3.03
C ASP A 279 -9.68 25.60 -3.02
N LEU A 280 -10.02 26.06 -4.20
CA LEU A 280 -10.94 27.54 -3.94
C LEU A 280 -12.14 27.47 -3.00
N THR A 281 -13.09 26.62 -3.35
CA THR A 281 -14.28 26.44 -2.51
C THR A 281 -13.88 25.22 -1.68
N GLY A 282 -12.86 24.52 -2.15
CA GLY A 282 -12.61 23.15 -1.72
C GLY A 282 -11.99 22.87 -0.42
N SER A 283 -11.70 21.59 -0.55
CA SER A 283 -11.03 20.86 0.54
C SER A 283 -9.51 20.90 0.67
N LEU A 284 -8.84 20.65 -0.45
CA LEU A 284 -7.45 20.23 -0.37
C LEU A 284 -6.68 20.06 -1.67
N ALA A 285 -5.61 20.83 -1.80
CA ALA A 285 -4.89 20.86 -3.15
C ALA A 285 -3.65 20.00 -3.43
N ASP A 286 -2.65 20.19 -2.59
CA ASP A 286 -1.36 19.52 -2.79
C ASP A 286 -0.93 19.26 -1.35
N ALA A 287 0.13 18.49 -1.22
CA ALA A 287 0.88 18.51 -0.08
C ALA A 287 2.38 18.21 -0.35
N THR A 288 3.21 18.50 0.63
CA THR A 288 4.66 18.27 0.49
C THR A 288 5.08 17.73 1.86
N GLY A 289 4.75 18.49 2.89
CA GLY A 289 4.90 17.99 4.27
C GLY A 289 6.41 17.71 4.29
N PRO A 290 6.87 17.22 5.43
CA PRO A 290 5.95 16.78 6.48
C PRO A 290 4.59 17.46 6.69
N GLY A 291 3.90 17.04 7.73
CA GLY A 291 2.70 17.76 8.19
C GLY A 291 2.58 18.18 9.66
N TYR A 292 2.94 19.44 9.90
CA TYR A 292 2.67 20.05 11.22
C TYR A 292 1.31 20.64 11.34
N LEU A 293 0.80 21.04 10.19
CA LEU A 293 -0.46 21.80 10.15
C LEU A 293 -1.55 21.29 9.37
N VAL A 294 -2.83 21.38 9.70
CA VAL A 294 -3.87 21.26 8.68
C VAL A 294 -4.59 22.55 8.50
N LEU A 295 -4.90 22.86 7.26
CA LEU A 295 -5.47 24.18 6.93
C LEU A 295 -6.57 23.62 6.00
N THR A 296 -7.51 23.71 6.93
CA THR A 296 -8.91 23.92 6.57
C THR A 296 -9.39 25.47 6.46
N ARG A 297 -10.38 25.53 5.59
CA ARG A 297 -11.42 26.56 5.71
C ARG A 297 -12.81 26.16 6.32
N THR A 298 -13.53 27.16 6.81
CA THR A 298 -14.99 27.06 6.88
C THR A 298 -15.39 28.28 6.04
N PRO A 299 -16.59 28.23 5.51
CA PRO A 299 -17.02 29.23 4.52
C PRO A 299 -16.48 30.67 4.86
N THR A 300 -16.04 31.02 6.06
CA THR A 300 -15.74 32.43 6.37
C THR A 300 -14.18 32.80 6.65
N VAL A 301 -13.75 31.64 7.10
CA VAL A 301 -12.73 31.58 8.16
C VAL A 301 -11.89 30.30 8.15
N LEU A 302 -10.60 30.48 8.36
CA LEU A 302 -9.64 29.49 8.33
C LEU A 302 -9.46 28.68 9.62
N THR A 303 -8.63 27.67 9.51
CA THR A 303 -8.35 26.84 10.63
C THR A 303 -6.87 26.56 10.38
N HIS A 304 -6.08 26.72 11.42
CA HIS A 304 -4.67 26.30 11.39
C HIS A 304 -4.43 25.47 12.66
N THR A 305 -4.34 24.17 12.49
CA THR A 305 -4.64 23.26 13.57
C THR A 305 -3.28 22.60 13.73
N PHE A 306 -2.66 22.86 14.87
CA PHE A 306 -1.32 22.33 15.16
C PHE A 306 -1.27 20.88 15.67
N ARG A 307 -0.21 20.22 15.27
CA ARG A 307 0.09 18.81 15.44
C ARG A 307 1.57 18.65 16.01
N ALA A 308 2.15 19.84 15.95
CA ALA A 308 3.60 19.99 16.08
C ALA A 308 3.63 20.98 17.31
N THR A 309 4.78 20.99 17.96
CA THR A 309 5.13 22.10 18.88
C THR A 309 6.44 22.84 18.66
N GLY A 310 6.41 24.13 18.89
CA GLY A 310 7.71 24.96 18.94
C GLY A 310 7.62 26.36 18.43
N THR A 311 8.66 26.82 17.77
CA THR A 311 8.61 28.15 17.13
C THR A 311 8.54 27.74 15.65
N PHE A 312 7.59 28.34 14.95
CA PHE A 312 7.40 28.05 13.55
C PHE A 312 7.68 29.28 12.74
N ASN A 313 7.62 29.16 11.43
CA ASN A 313 7.30 30.32 10.58
C ASN A 313 6.36 30.15 9.38
N LEU A 314 5.40 31.03 9.28
CA LEU A 314 4.26 30.89 8.80
C LEU A 314 4.60 31.80 7.64
N SER A 315 4.27 31.35 6.44
CA SER A 315 4.09 32.26 5.30
C SER A 315 3.07 31.94 4.21
N GLY A 316 2.37 32.97 3.77
CA GLY A 316 1.24 32.93 3.10
C GLY A 316 0.26 34.09 3.17
N GLY A 317 -0.87 33.87 2.53
CA GLY A 317 -2.06 34.79 2.64
C GLY A 317 -3.14 33.91 1.97
N LEU A 318 -4.16 34.57 1.46
CA LEU A 318 -5.38 33.77 0.99
C LEU A 318 -6.38 34.62 0.21
N ARG A 319 -7.45 33.96 -0.23
CA ARG A 319 -8.59 34.67 -0.82
C ARG A 319 -9.79 34.92 0.10
N CYS A 320 -10.13 36.18 0.18
CA CYS A 320 -11.17 36.79 1.12
C CYS A 320 -11.62 38.11 0.35
N LEU A 321 -12.37 38.84 1.14
CA LEU A 321 -12.28 40.31 1.13
C LEU A 321 -12.84 41.13 2.29
N THR A 322 -11.94 41.59 3.14
CA THR A 322 -12.23 41.47 4.51
C THR A 322 -10.74 41.34 5.25
N SER A 323 -10.69 42.39 6.07
CA SER A 323 -9.52 42.63 6.88
C SER A 323 -9.39 41.45 7.83
N LEU A 324 -8.28 40.75 7.79
CA LEU A 324 -7.82 39.82 8.99
C LEU A 324 -7.86 39.85 10.47
N THR A 325 -8.71 39.24 11.27
CA THR A 325 -8.57 39.35 12.73
C THR A 325 -7.99 38.03 13.25
N LEU A 326 -6.89 38.14 13.97
CA LEU A 326 -5.93 37.17 14.23
C LEU A 326 -6.51 36.72 15.63
N GLY A 327 -6.90 35.46 15.65
CA GLY A 327 -7.29 34.79 16.90
C GLY A 327 -6.35 33.44 16.61
N ALA A 328 -6.25 33.03 17.87
CA ALA A 328 -5.89 31.64 18.17
C ALA A 328 -6.10 31.08 19.60
N THR A 329 -6.01 29.77 19.70
CA THR A 329 -6.46 29.08 20.91
C THR A 329 -5.60 27.96 21.51
N GLY A 330 -5.49 27.97 22.84
CA GLY A 330 -4.55 27.08 23.52
C GLY A 330 -3.12 27.54 23.78
N ALA A 331 -2.23 26.57 23.96
CA ALA A 331 -0.79 26.90 24.21
C ALA A 331 -0.49 27.73 22.96
N VAL A 332 -0.24 29.01 23.18
CA VAL A 332 0.27 29.87 22.08
C VAL A 332 0.91 31.22 22.39
N VAL A 333 2.02 31.48 21.74
CA VAL A 333 2.86 32.64 22.09
C VAL A 333 3.01 33.33 20.79
N ILE A 334 2.22 34.33 20.45
CA ILE A 334 2.30 34.92 19.10
C ILE A 334 3.59 35.71 19.09
N ASN A 335 4.21 35.79 17.92
CA ASN A 335 5.56 36.33 17.80
C ASN A 335 5.59 37.52 16.85
N ASP A 336 5.22 37.25 15.61
CA ASP A 336 5.00 38.32 14.63
C ASP A 336 3.83 38.06 13.69
N ILE A 337 2.82 38.92 13.78
CA ILE A 337 1.65 38.80 12.92
C ILE A 337 1.81 40.00 11.98
N LEU A 338 1.91 39.71 10.70
CA LEU A 338 1.83 40.74 9.66
C LEU A 338 0.85 40.13 8.61
N ALA A 339 0.22 41.13 8.00
CA ALA A 339 -1.20 41.03 7.67
C ALA A 339 -1.40 42.13 6.64
N ILE A 340 -1.19 41.78 5.38
CA ILE A 340 -1.34 42.76 4.30
C ILE A 340 -2.85 42.41 4.04
N ASP A 341 -3.75 43.34 3.73
CA ASP A 341 -4.83 43.06 2.79
C ASP A 341 -5.09 44.12 1.72
N ASN A 342 -6.13 43.92 0.94
CA ASN A 342 -6.32 44.70 -0.29
C ASN A 342 -7.84 44.88 -0.38
N VAL A 343 -8.52 44.46 0.67
CA VAL A 343 -9.98 44.30 0.61
C VAL A 343 -10.69 44.29 -0.74
N GLY A 344 -11.48 43.26 -0.96
CA GLY A 344 -12.14 43.08 -2.27
C GLY A 344 -11.45 41.78 -2.67
N THR A 345 -10.13 41.79 -2.56
CA THR A 345 -9.33 40.70 -3.15
C THR A 345 -8.85 39.97 -1.87
N ALA A 346 -8.49 38.74 -2.19
CA ALA A 346 -7.40 38.06 -1.50
C ALA A 346 -6.53 38.86 -0.50
N SER A 347 -5.82 38.08 0.28
CA SER A 347 -4.70 38.61 1.08
C SER A 347 -3.50 37.70 1.46
N ASP A 348 -2.61 38.30 2.22
CA ASP A 348 -1.35 37.64 2.57
C ASP A 348 -1.32 37.71 4.11
N TYR A 349 -0.72 36.68 4.68
CA TYR A 349 -0.23 36.76 6.06
C TYR A 349 1.12 36.07 6.18
N PHE A 350 2.01 36.80 6.83
CA PHE A 350 3.22 36.20 7.41
C PHE A 350 2.88 36.31 8.90
N LEU A 351 3.39 35.37 9.67
CA LEU A 351 3.29 35.50 11.14
C LEU A 351 4.32 34.47 11.64
N ASN A 352 4.48 34.48 12.93
CA ASN A 352 5.74 33.72 13.54
C ASN A 352 4.90 33.59 14.83
N CYS A 353 4.92 32.40 15.36
CA CYS A 353 4.13 32.11 16.57
C CYS A 353 4.98 31.06 17.24
N THR A 354 4.56 30.68 18.43
CA THR A 354 5.18 29.54 19.11
C THR A 354 4.41 28.64 20.19
N VAL A 355 4.12 27.47 19.64
CA VAL A 355 3.14 26.57 20.26
C VAL A 355 3.91 25.75 21.44
N SER A 356 3.32 25.49 22.60
CA SER A 356 3.71 24.32 23.40
C SER A 356 2.68 23.57 24.24
N SER A 357 1.87 23.09 23.31
CA SER A 357 0.67 22.32 23.68
C SER A 357 -0.13 21.59 22.60
N LEU A 358 -1.15 20.87 23.04
CA LEU A 358 -2.22 20.44 22.12
C LEU A 358 -3.24 20.37 23.26
N PRO A 359 -4.28 21.19 23.13
CA PRO A 359 -4.51 21.93 21.88
C PRO A 359 -3.92 23.32 21.69
N ALA A 360 -3.06 23.45 20.69
CA ALA A 360 -2.77 24.75 20.10
C ALA A 360 -3.79 24.77 18.97
N THR A 361 -4.44 25.91 18.81
CA THR A 361 -5.17 26.23 17.54
C THR A 361 -4.61 27.59 17.11
N VAL A 362 -4.28 27.69 15.84
CA VAL A 362 -4.94 29.22 15.29
C VAL A 362 -5.88 29.33 14.08
N THR A 363 -6.58 30.45 14.12
CA THR A 363 -7.53 30.73 13.02
C THR A 363 -7.49 32.20 12.62
N PHE A 364 -7.53 32.44 11.32
CA PHE A 364 -7.71 33.85 10.78
C PHE A 364 -9.03 34.25 10.56
N THR A 365 -9.59 35.39 10.93
CA THR A 365 -11.03 35.63 10.70
C THR A 365 -11.47 36.71 9.71
N VAL A 366 -12.36 36.32 8.81
CA VAL A 366 -12.21 36.83 7.24
C VAL A 366 -13.52 36.59 6.50
N SER A 367 -13.63 37.06 5.28
CA SER A 367 -14.89 36.40 4.85
C SER A 367 -14.77 36.11 3.38
N GLY A 368 -15.19 34.90 3.10
CA GLY A 368 -15.39 34.44 1.73
C GLY A 368 -13.98 33.86 1.42
N VAL A 369 -13.79 32.68 2.00
CA VAL A 369 -12.53 32.08 2.03
C VAL A 369 -12.62 31.19 0.79
N ALA A 370 -12.04 31.67 -0.30
CA ALA A 370 -12.33 31.11 -1.62
C ALA A 370 -11.04 30.52 -2.18
N ALA A 371 -9.98 30.63 -1.40
CA ALA A 371 -8.73 29.92 -1.71
C ALA A 371 -7.79 30.05 -0.51
N GLY A 372 -7.12 28.96 -0.19
CA GLY A 372 -6.34 28.90 1.05
C GLY A 372 -5.00 28.44 0.46
N ILE A 373 -3.95 29.10 0.88
CA ILE A 373 -2.59 28.63 0.57
C ILE A 373 -1.74 29.00 1.79
N LEU A 374 -0.88 28.08 2.18
CA LEU A 374 0.24 28.42 3.08
C LEU A 374 1.50 27.54 2.99
N LEU A 375 2.51 28.00 3.71
CA LEU A 375 3.74 27.22 3.88
C LEU A 375 4.24 27.26 5.32
N VAL A 376 4.66 26.11 5.81
CA VAL A 376 5.25 26.13 7.21
C VAL A 376 6.49 25.28 7.51
N GLY A 377 7.48 25.93 8.09
CA GLY A 377 8.80 25.40 8.02
C GLY A 377 9.38 26.03 9.30
N ARG A 378 9.36 25.24 10.35
CA ARG A 378 9.96 25.57 11.62
C ARG A 378 11.11 26.58 11.69
N ALA A 379 10.90 27.55 12.57
CA ALA A 379 11.75 28.73 12.67
C ALA A 379 11.75 29.29 14.14
N ARG A 380 12.93 29.83 14.37
CA ARG A 380 13.20 30.59 15.61
C ARG A 380 12.32 31.78 15.98
N ALA A 381 12.63 32.39 17.10
CA ALA A 381 12.21 33.79 17.38
C ALA A 381 12.54 34.80 16.29
N ASN A 382 12.35 34.37 15.06
CA ASN A 382 12.69 35.20 13.90
C ASN A 382 11.68 36.21 13.36
N VAL A 383 12.17 37.35 12.93
CA VAL A 383 11.29 38.48 12.57
C VAL A 383 10.34 37.91 11.51
N VAL A 384 9.34 38.70 11.18
CA VAL A 384 8.41 38.33 10.10
C VAL A 384 7.57 39.58 9.84
N ASN A 385 8.07 40.71 10.31
CA ASN A 385 7.38 41.98 10.09
C ASN A 385 8.18 43.22 9.64
N LEU A 386 7.56 44.01 8.79
CA LEU A 386 8.17 45.28 8.36
C LEU A 386 8.75 46.25 9.40
N LEU A 387 9.18 47.39 8.93
CA LEU A 387 9.67 48.45 9.83
C LEU A 387 9.34 49.79 9.17
C GLY B 101 9.04 -11.64 24.71
N GLY B 102 8.71 -12.42 25.73
CA GLY B 102 7.32 -12.49 26.24
C GLY B 102 6.45 -13.12 25.11
N VAL B 103 7.08 -14.01 24.37
CA VAL B 103 6.36 -14.67 23.25
C VAL B 103 6.02 -16.19 23.39
N THR B 104 4.92 -16.40 22.67
CA THR B 104 4.31 -17.72 22.61
C THR B 104 4.85 -18.63 21.40
N VAL B 105 4.83 -19.93 21.63
CA VAL B 105 4.76 -20.88 20.51
C VAL B 105 3.67 -22.07 20.44
N THR B 106 3.05 -22.27 19.29
CA THR B 106 1.92 -23.19 19.19
C THR B 106 1.96 -24.39 18.24
N SER B 107 1.52 -25.53 18.73
CA SER B 107 1.70 -26.87 17.70
C SER B 107 0.49 -27.72 18.04
N HIS B 108 -0.49 -27.68 17.15
CA HIS B 108 -1.78 -28.31 17.43
C HIS B 108 -2.20 -28.64 15.99
N ARG B 109 -3.30 -29.36 15.87
CA ARG B 109 -3.99 -29.72 14.67
C ARG B 109 -5.46 -29.40 14.43
N GLU B 110 -5.69 -28.46 13.55
CA GLU B 110 -7.03 -27.95 13.18
C GLU B 110 -7.67 -28.35 11.85
N TYR B 111 -8.89 -28.82 11.93
CA TYR B 111 -9.73 -29.29 10.80
C TYR B 111 -9.98 -28.06 9.91
N LEU B 112 -10.41 -28.25 8.67
CA LEU B 112 -10.48 -27.15 7.72
C LEU B 112 -11.66 -27.02 6.81
N THR B 113 -12.08 -28.00 6.06
CA THR B 113 -13.36 -27.93 5.32
C THR B 113 -13.44 -29.55 4.76
N GLN B 114 -14.67 -29.76 4.30
CA GLN B 114 -15.09 -31.12 3.85
C GLN B 114 -15.08 -31.00 2.32
N VAL B 115 -14.09 -31.67 1.73
CA VAL B 115 -14.10 -31.81 0.25
C VAL B 115 -15.14 -32.98 -0.42
N ASN B 116 -16.06 -32.20 -0.97
CA ASN B 116 -17.20 -32.63 -1.77
C ASN B 116 -16.65 -32.82 -3.22
N ASN B 117 -17.52 -33.23 -4.11
CA ASN B 117 -17.06 -33.50 -5.49
C ASN B 117 -17.77 -32.69 -6.56
N SER B 118 -17.11 -32.51 -7.68
CA SER B 118 -17.70 -31.77 -8.81
C SER B 118 -16.90 -32.21 -10.05
N SER B 119 -17.57 -32.94 -10.92
CA SER B 119 -16.92 -33.44 -12.13
C SER B 119 -16.40 -32.26 -12.94
N GLY B 120 -17.03 -31.11 -12.76
CA GLY B 120 -16.63 -29.90 -13.49
C GLY B 120 -15.11 -29.73 -13.45
N PHE B 121 -14.68 -28.67 -12.81
CA PHE B 121 -13.29 -28.24 -12.21
C PHE B 121 -13.32 -27.19 -11.09
N VAL B 122 -13.22 -27.72 -9.87
CA VAL B 122 -13.67 -26.41 -8.94
C VAL B 122 -12.53 -26.08 -7.98
N VAL B 123 -12.68 -24.97 -7.28
CA VAL B 123 -11.61 -24.49 -6.38
C VAL B 123 -12.43 -24.11 -5.15
N ASN B 124 -11.73 -23.90 -4.06
CA ASN B 124 -12.45 -23.70 -2.74
C ASN B 124 -13.95 -23.45 -2.74
N GLY B 125 -14.69 -24.41 -3.26
CA GLY B 125 -16.14 -24.45 -3.04
C GLY B 125 -16.64 -23.66 -4.26
N GLY B 126 -15.70 -23.21 -5.06
CA GLY B 126 -16.01 -22.24 -6.13
C GLY B 126 -16.45 -21.20 -5.15
N ILE B 127 -15.85 -20.86 -4.03
CA ILE B 127 -15.62 -19.46 -3.69
C ILE B 127 -14.31 -18.68 -3.83
N VAL B 128 -14.43 -17.38 -3.97
CA VAL B 128 -13.48 -16.78 -4.89
C VAL B 128 -13.10 -15.54 -4.08
N GLY B 129 -11.86 -15.11 -4.23
CA GLY B 129 -11.32 -14.03 -3.40
C GLY B 129 -10.46 -14.83 -2.42
N ASN B 130 -9.24 -15.13 -2.85
CA ASN B 130 -8.33 -15.93 -2.03
C ASN B 130 -8.67 -16.21 -0.56
N SER B 131 -9.76 -16.90 -0.35
CA SER B 131 -10.19 -17.23 1.02
C SER B 131 -9.07 -17.97 1.76
N LEU B 132 -8.72 -19.13 1.24
CA LEU B 132 -7.77 -19.95 2.15
C LEU B 132 -6.41 -19.41 2.73
N GLN B 133 -6.03 -18.23 2.25
CA GLN B 133 -4.83 -17.56 2.78
C GLN B 133 -4.28 -18.07 4.11
N LEU B 134 -3.17 -18.76 4.02
CA LEU B 134 -2.58 -18.64 5.36
C LEU B 134 -2.03 -17.53 6.26
N ASN B 135 -2.93 -16.85 6.94
CA ASN B 135 -2.54 -15.92 8.00
C ASN B 135 -3.03 -16.12 9.25
N PRO B 136 -2.82 -16.25 10.55
CA PRO B 136 -3.90 -16.68 11.46
C PRO B 136 -4.67 -15.64 12.26
N SER B 137 -5.69 -15.06 11.64
CA SER B 137 -6.72 -15.24 11.30
C SER B 137 -7.62 -14.94 10.09
N ASN B 138 -8.04 -15.99 9.42
CA ASN B 138 -8.45 -16.48 8.69
C ASN B 138 -9.66 -17.27 9.21
N GLY B 139 -10.07 -16.95 10.42
CA GLY B 139 -11.31 -17.51 10.96
C GLY B 139 -12.05 -18.46 10.05
N THR B 140 -12.08 -18.11 8.78
CA THR B 140 -12.53 -19.05 7.74
C THR B 140 -11.73 -20.34 7.62
N LEU B 141 -10.42 -20.19 7.65
CA LEU B 141 -9.52 -21.35 7.65
C LEU B 141 -9.22 -22.00 9.00
N PHE B 142 -8.69 -21.21 9.91
CA PHE B 142 -8.36 -21.67 11.28
C PHE B 142 -9.39 -21.52 12.38
N SER B 143 -10.14 -22.59 12.60
CA SER B 143 -11.18 -22.57 13.63
C SER B 143 -10.79 -22.54 15.11
N TRP B 144 -9.53 -22.83 15.37
CA TRP B 144 -9.06 -22.92 16.76
C TRP B 144 -8.10 -21.81 17.19
N LEU B 145 -7.03 -21.66 16.43
CA LEU B 145 -6.09 -20.57 16.67
C LEU B 145 -6.80 -19.23 16.59
N PRO B 146 -7.98 -19.24 15.98
CA PRO B 146 -8.92 -18.13 16.12
C PRO B 146 -8.48 -17.19 17.25
N ALA B 147 -8.37 -17.75 18.44
CA ALA B 147 -8.18 -16.94 19.64
C ALA B 147 -6.88 -17.05 20.44
N LEU B 148 -5.77 -17.06 19.72
CA LEU B 148 -4.46 -16.86 20.35
C LEU B 148 -3.82 -15.69 19.60
N ALA B 149 -3.77 -15.82 18.30
CA ALA B 149 -3.20 -14.84 17.37
C ALA B 149 -4.12 -13.61 17.38
N SER B 150 -4.89 -13.46 18.44
CA SER B 150 -5.89 -12.40 18.51
C SER B 150 -5.36 -11.62 19.72
N ASN B 151 -4.43 -12.23 20.43
CA ASN B 151 -3.71 -11.53 21.50
C ASN B 151 -2.30 -11.20 21.00
N PHE B 152 -2.09 -11.38 19.72
CA PHE B 152 -0.78 -11.09 19.12
C PHE B 152 -0.70 -10.34 17.78
N ASP B 153 0.48 -9.81 17.51
CA ASP B 153 0.65 -8.93 16.34
C ASP B 153 1.57 -9.35 15.20
N GLN B 154 2.51 -10.21 15.51
CA GLN B 154 3.36 -10.83 14.47
C GLN B 154 3.04 -12.31 14.56
N TYR B 155 3.37 -13.03 13.51
CA TYR B 155 3.16 -14.47 13.52
C TYR B 155 4.35 -15.03 12.76
N SER B 156 4.67 -16.28 13.04
CA SER B 156 5.57 -17.04 12.16
C SER B 156 5.64 -18.57 12.26
N PHE B 157 5.43 -19.22 11.13
CA PHE B 157 5.02 -20.61 11.13
C PHE B 157 6.39 -21.29 11.15
N ASN B 158 6.37 -22.60 11.33
CA ASN B 158 7.61 -23.37 11.43
C ASN B 158 7.26 -24.62 10.63
N SER B 159 6.01 -25.05 10.77
CA SER B 159 5.57 -26.26 10.07
C SER B 159 4.16 -25.86 9.62
N VAL B 160 3.77 -26.33 8.46
CA VAL B 160 2.37 -26.35 8.07
C VAL B 160 2.30 -27.54 7.12
N VAL B 161 1.30 -28.37 7.32
CA VAL B 161 1.20 -29.64 6.58
C VAL B 161 -0.29 -29.72 6.32
N LEU B 162 -0.63 -30.09 5.10
CA LEU B 162 -2.06 -30.35 4.78
C LEU B 162 -2.33 -31.85 4.92
N ASP B 163 -3.38 -32.17 5.66
CA ASP B 163 -3.78 -33.57 5.82
C ASP B 163 -5.14 -34.01 5.29
N TYR B 164 -5.09 -34.96 4.37
CA TYR B 164 -6.30 -35.42 3.65
C TYR B 164 -6.83 -36.85 3.79
N VAL B 165 -7.84 -37.01 4.61
CA VAL B 165 -8.31 -38.36 4.98
C VAL B 165 -9.51 -38.58 4.06
N PRO B 166 -10.21 -39.67 4.30
CA PRO B 166 -11.25 -40.13 3.37
C PRO B 166 -12.68 -40.48 3.87
N LEU B 167 -13.63 -39.68 3.44
CA LEU B 167 -15.04 -40.01 3.67
C LEU B 167 -15.71 -40.97 2.69
N CYS B 168 -15.24 -40.95 1.46
CA CYS B 168 -15.87 -41.74 0.40
C CYS B 168 -15.28 -43.16 0.31
N GLY B 169 -15.65 -43.85 -0.75
CA GLY B 169 -15.19 -45.24 -0.94
C GLY B 169 -14.54 -45.65 -2.25
N THR B 170 -13.79 -46.75 -2.19
CA THR B 170 -12.94 -47.15 -3.32
C THR B 170 -13.53 -47.23 -4.73
N THR B 171 -14.57 -46.46 -4.96
CA THR B 171 -15.36 -46.59 -6.19
C THR B 171 -15.91 -45.18 -6.42
N GLU B 172 -15.55 -44.29 -5.53
CA GLU B 172 -15.86 -42.86 -5.73
C GLU B 172 -14.99 -42.77 -7.01
N VAL B 173 -15.19 -41.69 -7.74
CA VAL B 173 -14.60 -41.56 -9.07
C VAL B 173 -14.23 -40.11 -9.38
N GLY B 174 -13.04 -39.73 -8.98
CA GLY B 174 -12.62 -38.33 -9.10
C GLY B 174 -11.16 -37.95 -8.83
N ARG B 175 -10.94 -36.66 -8.64
CA ARG B 175 -9.58 -36.15 -8.40
C ARG B 175 -9.78 -35.08 -7.33
N VAL B 176 -8.85 -35.05 -6.38
CA VAL B 176 -8.80 -33.96 -5.40
C VAL B 176 -7.41 -33.41 -5.72
N ALA B 177 -7.12 -32.24 -5.17
CA ALA B 177 -5.79 -31.64 -5.32
C ALA B 177 -5.40 -30.44 -4.47
N LEU B 178 -4.45 -30.65 -3.58
CA LEU B 178 -3.90 -29.55 -2.79
C LEU B 178 -2.63 -28.83 -3.26
N TYR B 179 -2.72 -27.52 -3.36
CA TYR B 179 -1.55 -26.70 -3.72
C TYR B 179 -1.16 -25.53 -2.83
N PHE B 180 -0.12 -24.82 -3.24
CA PHE B 180 0.34 -23.64 -2.49
C PHE B 180 0.95 -22.46 -3.23
N ASP B 181 0.22 -21.36 -3.26
CA ASP B 181 0.73 -20.14 -3.89
C ASP B 181 1.34 -19.18 -2.86
N LYS B 182 2.61 -18.88 -3.06
CA LYS B 182 3.26 -17.81 -2.28
C LYS B 182 2.71 -16.38 -2.35
N ASP B 183 1.92 -16.12 -3.36
CA ASP B 183 1.14 -14.87 -3.42
C ASP B 183 -0.28 -14.86 -2.90
N SER B 184 -0.41 -14.76 -1.60
CA SER B 184 -1.74 -14.60 -0.98
C SER B 184 -2.80 -13.92 -1.84
N GLN B 185 -2.37 -13.41 -2.99
CA GLN B 185 -3.23 -12.54 -3.79
C GLN B 185 -3.51 -12.89 -5.26
N ASP B 186 -2.59 -13.63 -5.85
CA ASP B 186 -2.75 -14.08 -7.24
C ASP B 186 -4.16 -14.69 -7.14
N PRO B 187 -4.72 -14.98 -8.31
CA PRO B 187 -6.16 -15.28 -8.40
C PRO B 187 -6.12 -16.78 -8.20
N GLU B 188 -7.26 -17.42 -8.41
CA GLU B 188 -7.33 -18.88 -8.43
C GLU B 188 -7.10 -19.63 -9.75
N PRO B 189 -6.77 -20.90 -9.61
CA PRO B 189 -6.81 -21.82 -10.76
C PRO B 189 -8.05 -21.84 -11.67
N ALA B 190 -7.86 -21.33 -12.89
CA ALA B 190 -8.85 -21.52 -13.95
C ALA B 190 -9.22 -22.93 -14.42
N ASP B 191 -8.21 -23.76 -14.63
CA ASP B 191 -8.41 -25.07 -15.26
C ASP B 191 -7.48 -26.12 -14.67
N ARG B 192 -7.48 -27.29 -15.29
CA ARG B 192 -6.48 -28.32 -14.96
C ARG B 192 -5.01 -27.93 -15.11
N VAL B 193 -4.71 -27.32 -16.24
CA VAL B 193 -3.30 -27.05 -16.60
C VAL B 193 -2.52 -25.99 -15.81
N GLU B 194 -3.27 -25.10 -15.19
CA GLU B 194 -2.68 -24.05 -14.34
C GLU B 194 -2.36 -24.70 -13.00
N LEU B 195 -3.27 -25.53 -12.54
CA LEU B 195 -3.15 -26.13 -11.22
C LEU B 195 -1.87 -26.96 -11.31
N ALA B 196 -1.83 -27.85 -12.28
CA ALA B 196 -0.70 -28.78 -12.42
C ALA B 196 0.71 -28.16 -12.54
N ASN B 197 0.74 -26.91 -12.96
CA ASN B 197 1.98 -26.20 -13.11
C ASN B 197 2.62 -25.59 -11.86
N PHE B 198 1.79 -25.35 -10.86
CA PHE B 198 2.29 -24.99 -9.54
C PHE B 198 3.44 -25.78 -8.90
N GLY B 199 4.41 -25.05 -8.38
CA GLY B 199 5.45 -25.67 -7.54
C GLY B 199 5.06 -26.63 -6.42
N VAL B 200 4.31 -26.13 -5.47
CA VAL B 200 3.77 -26.97 -4.39
C VAL B 200 2.38 -27.65 -4.55
N LEU B 201 2.34 -28.60 -5.47
CA LEU B 201 1.13 -29.41 -5.66
C LEU B 201 1.14 -30.90 -5.30
N LYS B 202 -0.04 -31.41 -4.98
CA LYS B 202 -0.21 -32.86 -4.79
C LYS B 202 -1.54 -33.26 -5.44
N GLU B 203 -1.51 -34.38 -6.12
CA GLU B 203 -2.70 -34.87 -6.83
C GLU B 203 -3.17 -36.29 -6.54
N THR B 204 -4.25 -36.40 -5.80
CA THR B 204 -4.76 -37.71 -5.38
C THR B 204 -6.13 -38.17 -5.82
N ALA B 205 -6.29 -39.48 -5.88
CA ALA B 205 -7.62 -40.07 -6.06
C ALA B 205 -8.31 -39.28 -4.96
N PRO B 206 -9.60 -39.49 -4.82
CA PRO B 206 -10.36 -38.89 -3.71
C PRO B 206 -10.23 -39.94 -2.61
N TRP B 207 -10.58 -41.17 -2.96
CA TRP B 207 -10.55 -42.26 -1.99
C TRP B 207 -9.28 -42.54 -1.18
N ALA B 208 -8.15 -42.31 -1.83
CA ALA B 208 -6.86 -42.44 -1.14
C ALA B 208 -6.23 -41.25 -0.39
N GLU B 209 -5.44 -41.55 0.62
CA GLU B 209 -5.24 -40.60 1.73
C GLU B 209 -3.95 -39.86 1.36
N ALA B 210 -3.99 -38.55 1.50
CA ALA B 210 -2.95 -37.70 0.92
C ALA B 210 -2.27 -36.63 1.78
N MET B 211 -1.11 -36.20 1.32
CA MET B 211 -0.29 -35.25 2.10
C MET B 211 0.37 -34.06 1.41
N LEU B 212 0.52 -32.98 2.16
CA LEU B 212 1.31 -31.84 1.70
C LEU B 212 2.03 -31.01 2.77
N ARG B 213 3.28 -30.68 2.49
CA ARG B 213 4.09 -29.92 3.45
C ARG B 213 4.10 -28.51 2.86
N ILE B 214 3.98 -27.53 3.73
CA ILE B 214 4.10 -26.13 3.31
C ILE B 214 5.36 -25.33 3.63
N PRO B 215 5.90 -24.69 2.62
CA PRO B 215 7.23 -24.05 2.75
C PRO B 215 7.35 -22.78 3.58
N THR B 216 7.99 -22.91 4.72
CA THR B 216 8.06 -21.81 5.69
C THR B 216 9.29 -20.94 5.73
N ASP B 217 9.09 -19.63 5.65
CA ASP B 217 10.20 -18.69 5.81
C ASP B 217 10.30 -18.41 7.31
N LYS B 218 11.14 -17.45 7.65
CA LYS B 218 11.20 -16.95 9.03
C LYS B 218 11.01 -15.42 9.11
N VAL B 219 10.11 -14.94 8.26
CA VAL B 219 9.99 -13.48 8.05
C VAL B 219 8.95 -13.04 9.08
N LYS B 220 9.24 -11.92 9.74
CA LYS B 220 8.23 -11.25 10.56
C LYS B 220 6.94 -10.62 10.30
N ARG B 221 5.95 -11.45 10.05
CA ARG B 221 4.84 -11.07 9.16
C ARG B 221 3.73 -10.60 10.09
N TYR B 222 2.93 -9.67 9.59
CA TYR B 222 1.83 -9.12 10.39
C TYR B 222 0.43 -9.72 10.28
N CYS B 223 -0.26 -9.77 11.41
CA CYS B 223 -1.65 -10.23 11.43
C CYS B 223 -2.59 -9.09 11.05
N ASN B 224 -3.82 -9.44 10.74
CA ASN B 224 -4.77 -8.46 10.20
C ASN B 224 -5.70 -7.70 11.14
N ASP B 225 -5.10 -6.87 11.98
CA ASP B 225 -5.87 -6.06 12.92
C ASP B 225 -6.11 -4.66 12.32
N SER B 226 -5.07 -3.93 11.95
CA SER B 226 -5.22 -2.76 11.09
C SER B 226 -5.25 -3.41 9.70
N ALA B 227 -5.82 -2.69 8.75
CA ALA B 227 -5.96 -3.34 7.36
C ALA B 227 -5.04 -2.84 6.25
N THR B 228 -4.81 -3.70 5.26
CA THR B 228 -3.63 -3.77 4.55
C THR B 228 -4.15 -4.38 3.26
N VAL B 229 -4.15 -3.58 2.21
CA VAL B 229 -4.63 -4.01 0.91
C VAL B 229 -3.66 -4.94 0.16
N ASP B 230 -2.40 -4.86 0.53
CA ASP B 230 -1.37 -5.67 -0.12
C ASP B 230 -1.29 -6.95 0.71
N GLN B 231 -2.44 -7.47 1.08
CA GLN B 231 -2.52 -8.81 1.68
C GLN B 231 -1.42 -9.84 1.39
N LYS B 232 -0.65 -9.57 0.35
CA LYS B 232 0.47 -10.43 0.02
C LYS B 232 1.77 -10.35 0.82
N LEU B 233 2.26 -9.14 0.98
CA LEU B 233 3.36 -8.87 1.90
C LEU B 233 3.18 -9.11 3.41
N ILE B 234 1.98 -9.56 3.77
CA ILE B 234 1.65 -9.79 5.18
C ILE B 234 1.31 -11.29 5.34
N ASP B 235 0.53 -11.79 4.40
CA ASP B 235 0.28 -13.23 4.31
C ASP B 235 1.39 -14.17 3.79
N LEU B 236 1.57 -15.27 4.50
CA LEU B 236 2.59 -16.25 4.08
C LEU B 236 2.45 -17.00 2.75
N GLY B 237 1.34 -17.71 2.63
CA GLY B 237 0.99 -18.32 1.31
C GLY B 237 -0.53 -18.34 1.04
N GLN B 238 -0.90 -19.04 -0.02
CA GLN B 238 -2.32 -19.18 -0.37
C GLN B 238 -2.39 -20.87 -0.19
N LEU B 239 -3.60 -21.30 0.06
CA LEU B 239 -3.91 -22.73 0.08
C LEU B 239 -5.02 -23.09 -0.92
N GLY B 240 -4.71 -24.04 -1.78
CA GLY B 240 -5.74 -24.64 -2.64
C GLY B 240 -6.23 -26.06 -2.37
N ILE B 241 -7.47 -26.33 -2.76
CA ILE B 241 -7.98 -27.69 -2.76
C ILE B 241 -8.85 -27.65 -4.01
N ALA B 242 -8.64 -28.62 -4.88
CA ALA B 242 -9.26 -28.60 -6.22
C ALA B 242 -9.68 -30.00 -6.63
N THR B 243 -10.85 -30.08 -7.23
CA THR B 243 -11.44 -31.39 -7.57
C THR B 243 -11.89 -31.19 -9.02
N TYR B 244 -11.45 -32.08 -9.89
CA TYR B 244 -12.14 -32.30 -11.17
C TYR B 244 -12.55 -33.70 -11.59
N GLY B 245 -13.33 -33.77 -12.66
CA GLY B 245 -13.63 -35.06 -13.30
C GLY B 245 -14.46 -36.11 -12.54
N GLY B 246 -15.12 -35.66 -11.49
CA GLY B 246 -15.98 -36.55 -10.70
C GLY B 246 -17.21 -37.02 -11.45
N ALA B 247 -18.23 -37.38 -10.69
CA ALA B 247 -19.50 -37.85 -11.29
C ALA B 247 -20.72 -37.36 -10.52
N GLY B 248 -20.48 -36.77 -9.37
CA GLY B 248 -21.57 -36.28 -8.52
C GLY B 248 -20.93 -35.35 -7.49
N ALA B 249 -21.72 -34.39 -7.02
CA ALA B 249 -21.19 -33.33 -6.16
C ALA B 249 -21.42 -33.79 -4.72
N ASP B 250 -20.98 -35.00 -4.43
CA ASP B 250 -20.95 -35.48 -3.05
C ASP B 250 -19.61 -35.38 -2.31
N ALA B 251 -19.60 -35.87 -1.09
CA ALA B 251 -18.45 -35.64 -0.19
C ALA B 251 -17.48 -36.81 -0.20
N VAL B 252 -16.20 -36.49 -0.19
CA VAL B 252 -15.15 -37.50 -0.37
C VAL B 252 -14.02 -37.29 0.63
N GLY B 253 -13.86 -36.05 1.05
CA GLY B 253 -12.67 -35.66 1.84
C GLY B 253 -12.86 -34.76 3.04
N GLU B 254 -11.97 -34.90 4.01
CA GLU B 254 -12.02 -34.05 5.21
C GLU B 254 -10.54 -33.70 5.36
N LEU B 255 -10.26 -32.41 5.40
CA LEU B 255 -8.98 -31.83 5.22
C LEU B 255 -8.68 -31.27 6.61
N PHE B 256 -7.42 -31.42 6.98
CA PHE B 256 -6.89 -30.78 8.21
C PHE B 256 -5.68 -29.83 8.12
N LEU B 257 -5.30 -29.28 9.24
CA LEU B 257 -4.22 -28.29 9.35
C LEU B 257 -3.11 -28.56 10.34
N ALA B 258 -1.99 -29.05 9.82
CA ALA B 258 -0.77 -29.27 10.61
C ALA B 258 -0.05 -28.00 11.04
N ARG B 259 -0.24 -27.64 12.30
CA ARG B 259 0.15 -26.30 12.76
C ARG B 259 1.35 -26.14 13.69
N SER B 260 2.06 -25.03 13.51
CA SER B 260 3.12 -24.64 14.47
C SER B 260 3.46 -23.16 14.33
N VAL B 261 2.92 -22.38 15.25
CA VAL B 261 3.01 -20.91 15.13
C VAL B 261 3.60 -20.09 16.28
N THR B 262 4.32 -19.04 15.92
CA THR B 262 5.15 -18.33 16.89
C THR B 262 4.51 -16.95 17.06
N LEU B 263 4.04 -16.69 18.27
CA LEU B 263 3.21 -15.50 18.50
C LEU B 263 4.28 -14.59 19.14
N TYR B 264 4.06 -13.29 19.03
CA TYR B 264 5.10 -12.32 19.40
C TYR B 264 4.27 -11.19 20.04
N PHE B 265 4.95 -10.07 20.28
CA PHE B 265 4.36 -9.00 21.09
C PHE B 265 2.88 -9.05 21.46
N PRO B 266 2.62 -9.19 22.75
CA PRO B 266 1.25 -9.29 23.25
C PRO B 266 0.24 -8.19 22.94
N GLN B 267 -0.80 -8.48 22.18
CA GLN B 267 -1.93 -7.54 22.00
C GLN B 267 -2.92 -7.29 23.14
N PRO B 268 -3.87 -6.41 22.89
CA PRO B 268 -5.04 -6.29 23.78
C PRO B 268 -6.14 -6.79 22.85
N THR B 269 -6.89 -7.77 23.34
CA THR B 269 -7.82 -8.51 22.48
C THR B 269 -8.09 -8.03 21.05
N ASN B 270 -8.97 -8.75 20.37
CA ASN B 270 -9.15 -8.53 18.93
C ASN B 270 -10.46 -9.30 18.72
N THR B 271 -11.56 -8.56 18.79
CA THR B 271 -12.88 -9.15 18.51
C THR B 271 -12.98 -10.45 17.71
N LEU B 272 -13.87 -11.32 18.16
CA LEU B 272 -13.96 -12.68 17.60
C LEU B 272 -15.47 -12.87 17.59
N LEU B 273 -16.19 -11.74 17.62
CA LEU B 273 -17.65 -11.79 17.53
C LEU B 273 -17.64 -11.00 16.47
C LEU B 273 -17.97 -10.87 16.36
N SER B 274 -18.36 -11.47 15.46
N SER B 274 -18.79 -11.37 15.45
CA SER B 274 -18.54 -10.69 14.24
C SER B 274 -19.70 -9.69 14.12
N SER B 275 -19.42 -8.57 13.47
CA SER B 275 -20.32 -7.40 13.43
C SER B 275 -20.56 -7.22 11.93
N LYS B 276 -21.82 -7.20 11.50
CA LYS B 276 -22.09 -7.05 10.06
C LYS B 276 -23.32 -6.29 9.60
N ARG B 277 -23.08 -5.04 9.28
CA ARG B 277 -24.18 -4.11 8.93
C ARG B 277 -24.58 -4.02 7.48
N LEU B 278 -25.87 -4.18 7.22
CA LEU B 278 -26.42 -3.88 5.90
C LEU B 278 -27.01 -2.32 6.05
N ASP B 279 -26.52 -1.53 5.11
CA ASP B 279 -27.16 -0.23 4.82
C ASP B 279 -28.69 -0.27 4.88
N LEU B 280 -29.26 0.89 5.14
CA LEU B 280 -31.01 0.63 5.04
C LEU B 280 -31.56 0.01 3.76
N THR B 281 -31.30 0.68 2.65
CA THR B 281 -31.75 0.17 1.35
C THR B 281 -30.50 -0.55 0.87
N GLY B 282 -29.38 -0.23 1.50
CA GLY B 282 -28.07 -0.51 0.90
C GLY B 282 -27.51 -1.88 0.94
N SER B 283 -26.26 -1.65 0.58
CA SER B 283 -25.29 -2.74 0.49
C SER B 283 -24.55 -3.21 1.74
N LEU B 284 -24.00 -2.26 2.46
CA LEU B 284 -22.93 -2.59 3.39
C LEU B 284 -22.39 -1.49 4.29
N ALA B 285 -22.50 -1.70 5.59
CA ALA B 285 -22.16 -0.56 6.56
C ALA B 285 -20.80 -0.47 7.23
N ASP B 286 -20.44 -1.53 7.94
CA ASP B 286 -19.21 -1.53 8.73
C ASP B 286 -18.77 -2.98 8.58
N ALA B 287 -17.55 -3.24 9.03
CA ALA B 287 -17.18 -4.51 9.37
C ALA B 287 -16.17 -4.55 10.54
N THR B 288 -15.99 -5.73 11.11
CA THR B 288 -15.05 -5.88 12.23
C THR B 288 -14.37 -7.22 11.96
N GLY B 289 -15.18 -8.25 11.78
CA GLY B 289 -14.67 -9.54 11.30
C GLY B 289 -13.66 -9.86 12.39
N PRO B 290 -13.00 -11.00 12.25
CA PRO B 290 -13.09 -11.75 10.98
C PRO B 290 -14.37 -11.74 10.14
N GLY B 291 -14.35 -12.53 9.09
CA GLY B 291 -15.58 -12.80 8.32
C GLY B 291 -16.01 -14.24 8.05
N TYR B 292 -16.90 -14.74 8.88
CA TYR B 292 -17.57 -16.02 8.62
C TYR B 292 -18.76 -15.91 7.75
N LEU B 293 -19.38 -14.75 7.84
CA LEU B 293 -20.67 -14.53 7.17
C LEU B 293 -20.79 -13.46 6.22
N VAL B 294 -21.52 -13.50 5.13
CA VAL B 294 -21.94 -12.26 4.46
C VAL B 294 -23.42 -12.11 4.55
N LEU B 295 -23.85 -10.88 4.78
CA LEU B 295 -25.28 -10.61 5.05
C LEU B 295 -25.37 -9.40 4.10
N THR B 296 -25.92 -10.09 3.12
CA THR B 296 -26.82 -9.45 2.16
C THR B 296 -28.39 -9.46 2.54
N ARG B 297 -28.96 -8.41 1.98
CA ARG B 297 -30.38 -8.42 1.61
C ARG B 297 -30.74 -8.64 0.10
N THR B 298 -31.96 -9.09 -0.14
CA THR B 298 -32.62 -8.81 -1.43
C THR B 298 -33.87 -8.08 -0.93
N PRO B 299 -34.46 -7.29 -1.81
CA PRO B 299 -35.53 -6.38 -1.41
C PRO B 299 -36.50 -7.03 -0.35
N THR B 300 -36.57 -8.34 -0.13
CA THR B 300 -37.62 -8.89 0.73
C THR B 300 -37.14 -9.56 2.14
N VAL B 301 -35.93 -9.94 1.81
CA VAL B 301 -35.36 -11.19 2.33
C VAL B 301 -33.83 -11.18 2.41
N LEU B 302 -33.31 -11.71 3.51
CA LEU B 302 -31.97 -11.75 3.82
C LEU B 302 -31.18 -12.93 3.23
N THR B 303 -29.89 -12.87 3.46
CA THR B 303 -29.03 -13.90 2.98
C THR B 303 -28.03 -13.96 4.13
N HIS B 304 -27.77 -15.17 4.60
CA HIS B 304 -26.68 -15.39 5.56
C HIS B 304 -25.84 -16.56 5.02
N THR B 305 -24.69 -16.23 4.50
CA THR B 305 -24.06 -17.09 3.51
C THR B 305 -22.79 -17.45 4.28
N PHE B 306 -22.69 -18.72 4.61
CA PHE B 306 -21.55 -19.23 5.38
C PHE B 306 -20.28 -19.54 4.58
N ARG B 307 -19.17 -19.31 5.25
CA ARG B 307 -17.80 -19.34 4.75
C ARG B 307 -16.90 -20.20 5.75
N ALA B 308 -17.64 -20.45 6.82
CA ALA B 308 -17.01 -20.92 8.08
C ALA B 308 -17.86 -22.25 8.26
N THR B 309 -17.27 -23.13 9.04
CA THR B 309 -18.04 -24.25 9.64
C THR B 309 -18.00 -24.45 11.15
N GLY B 310 -19.13 -24.84 11.70
CA GLY B 310 -19.17 -25.29 13.17
C GLY B 310 -20.43 -24.97 13.91
N THR B 311 -20.30 -24.62 15.18
CA THR B 311 -21.46 -24.19 15.97
C THR B 311 -21.15 -22.70 16.09
N PHE B 312 -22.15 -21.89 15.80
CA PHE B 312 -22.01 -20.44 15.87
C PHE B 312 -22.93 -19.91 16.91
N ASN B 313 -22.87 -18.60 17.15
CA ASN B 313 -24.02 -17.88 17.67
C ASN B 313 -24.36 -16.48 17.15
N LEU B 314 -25.62 -16.29 16.80
CA LEU B 314 -26.08 -15.54 15.91
C LEU B 314 -26.68 -14.63 16.96
N SER B 315 -26.47 -13.34 16.78
CA SER B 315 -27.35 -12.33 17.38
C SER B 315 -27.60 -11.00 16.66
N GLY B 316 -28.84 -10.56 16.70
CA GLY B 316 -29.38 -9.65 15.93
C GLY B 316 -30.88 -9.66 15.67
N GLY B 317 -31.27 -8.75 14.79
CA GLY B 317 -32.67 -8.72 14.23
C GLY B 317 -32.47 -7.70 13.08
N LEU B 318 -33.55 -7.07 12.68
CA LEU B 318 -33.50 -6.24 11.41
C LEU B 318 -34.74 -5.37 11.21
N ARG B 319 -34.73 -4.62 10.12
CA ARG B 319 -35.91 -3.89 9.67
C ARG B 319 -36.74 -4.54 8.55
N CYS B 320 -38.00 -4.71 8.88
CA CYS B 320 -39.05 -5.46 8.06
C CYS B 320 -40.42 -4.80 8.54
N LEU B 321 -41.43 -5.50 8.07
CA LEU B 321 -42.65 -5.70 8.87
C LEU B 321 -43.63 -6.81 8.50
N THR B 322 -43.56 -7.90 9.25
CA THR B 322 -43.60 -9.15 8.58
C THR B 322 -42.74 -10.17 9.56
N SER B 323 -43.60 -11.11 9.90
CA SER B 323 -43.21 -12.20 10.78
C SER B 323 -42.12 -12.98 10.04
N LEU B 324 -40.95 -13.11 10.63
CA LEU B 324 -39.92 -14.24 10.24
C LEU B 324 -39.96 -15.65 9.84
N THR B 325 -39.87 -16.16 8.62
CA THR B 325 -39.89 -17.61 8.40
C THR B 325 -38.46 -18.07 8.08
N LEU B 326 -37.99 -19.02 8.87
CA LEU B 326 -36.66 -19.35 9.11
C LEU B 326 -36.57 -20.50 8.04
N GLY B 327 -35.67 -20.26 7.10
CA GLY B 327 -35.31 -21.28 6.10
C GLY B 327 -33.66 -21.04 6.31
N ALA B 328 -33.25 -22.21 5.86
CA ALA B 328 -31.87 -22.39 5.38
C ALA B 328 -31.50 -23.65 4.56
N THR B 329 -30.32 -23.58 3.96
CA THR B 329 -29.96 -24.55 2.92
C THR B 329 -28.55 -25.18 2.92
N GLY B 330 -28.51 -26.48 2.67
CA GLY B 330 -27.25 -27.22 2.84
C GLY B 330 -26.92 -27.85 4.18
N ALA B 331 -25.63 -28.10 4.39
CA ALA B 331 -25.18 -28.71 5.68
C ALA B 331 -25.75 -27.70 6.67
N VAL B 332 -26.71 -28.14 7.45
CA VAL B 332 -27.19 -27.31 8.58
C VAL B 332 -28.03 -27.94 9.71
N VAL B 333 -27.68 -27.60 10.93
CA VAL B 333 -28.25 -28.30 12.09
C VAL B 333 -28.77 -27.17 12.91
N ILE B 334 -30.03 -26.79 12.84
CA ILE B 334 -30.51 -25.60 13.54
C ILE B 334 -30.54 -25.98 15.01
N ASN B 335 -30.28 -25.01 15.86
CA ASN B 335 -30.05 -25.28 17.29
C ASN B 335 -31.07 -24.52 18.15
N ASP B 336 -31.02 -23.20 18.04
CA ASP B 336 -32.06 -22.36 18.65
C ASP B 336 -32.45 -21.15 17.79
N ILE B 337 -33.69 -21.14 17.36
CA ILE B 337 -34.20 -20.01 16.55
C ILE B 337 -35.14 -19.31 17.53
N LEU B 338 -34.85 -18.06 17.81
CA LEU B 338 -35.78 -17.19 18.52
C LEU B 338 -35.76 -15.87 17.68
N ALA B 339 -36.93 -15.27 17.82
CA ALA B 339 -37.58 -14.62 16.67
C ALA B 339 -38.64 -13.74 17.33
N ILE B 340 -38.23 -12.53 17.66
CA ILE B 340 -39.15 -11.58 18.31
C ILE B 340 -39.62 -10.94 16.95
N ASP B 341 -40.87 -10.57 16.74
CA ASP B 341 -41.19 -9.37 15.95
C ASP B 341 -42.24 -8.44 16.56
N ASN B 342 -42.59 -7.42 15.79
CA ASN B 342 -43.37 -6.30 16.35
C ASN B 342 -44.31 -5.90 15.21
N VAL B 343 -44.30 -6.70 14.15
CA VAL B 343 -44.89 -6.28 12.88
C VAL B 343 -45.26 -4.81 12.65
N GLY B 344 -44.77 -4.28 11.54
CA GLY B 344 -44.96 -2.85 11.24
C GLY B 344 -43.49 -2.43 11.29
N THR B 345 -42.82 -2.83 12.36
CA THR B 345 -41.49 -2.31 12.64
C THR B 345 -40.61 -3.55 12.34
N ALA B 346 -39.37 -3.15 12.11
CA ALA B 346 -38.22 -3.97 12.51
C ALA B 346 -38.47 -5.24 13.36
N SER B 347 -37.43 -6.04 13.36
CA SER B 347 -37.31 -7.14 14.33
C SER B 347 -35.91 -7.66 14.78
N ASP B 348 -35.98 -8.68 15.61
CA ASP B 348 -34.76 -9.21 16.25
C ASP B 348 -34.80 -10.71 15.89
N TYR B 349 -33.61 -11.25 15.72
CA TYR B 349 -33.42 -12.71 15.80
C TYR B 349 -32.13 -13.03 16.56
N PHE B 350 -32.32 -13.95 17.48
CA PHE B 350 -31.17 -14.70 18.04
C PHE B 350 -31.44 -16.08 17.42
N LEU B 351 -30.36 -16.81 17.18
CA LEU B 351 -30.51 -18.22 16.76
C LEU B 351 -29.11 -18.79 16.98
N ASN B 352 -29.03 -20.07 16.76
CA ASN B 352 -27.74 -20.84 17.28
C ASN B 352 -28.05 -21.88 16.18
N CYS B 353 -27.00 -22.23 15.47
CA CYS B 353 -27.16 -23.18 14.34
C CYS B 353 -25.82 -23.87 14.37
N THR B 354 -25.70 -24.87 13.51
CA THR B 354 -24.40 -25.52 13.28
C THR B 354 -24.03 -26.26 11.90
N VAL B 355 -23.17 -25.50 11.24
CA VAL B 355 -22.90 -25.75 9.82
C VAL B 355 -21.79 -26.96 9.74
N SER B 356 -21.87 -27.90 8.83
CA SER B 356 -20.67 -28.59 8.35
C SER B 356 -20.54 -29.07 6.91
N SER B 357 -20.55 -27.93 6.24
CA SER B 357 -20.51 -27.90 4.77
C SER B 357 -20.29 -26.58 4.04
N LEU B 358 -20.17 -26.67 2.73
CA LEU B 358 -20.36 -25.50 1.87
C LEU B 358 -20.83 -26.34 0.69
N PRO B 359 -22.06 -26.10 0.27
CA PRO B 359 -22.81 -24.94 0.77
C PRO B 359 -23.71 -25.08 1.99
N ALA B 360 -23.38 -24.34 3.03
CA ALA B 360 -24.36 -24.01 4.07
C ALA B 360 -24.90 -22.69 3.54
N THR B 361 -26.21 -22.55 3.59
CA THR B 361 -26.86 -21.20 3.49
C THR B 361 -27.74 -21.10 4.73
N VAL B 362 -27.67 -19.96 5.40
CA VAL B 362 -29.32 -19.49 5.74
C VAL B 362 -29.89 -18.13 5.34
N THR B 363 -31.22 -18.16 5.30
CA THR B 363 -31.94 -16.93 4.95
C THR B 363 -33.20 -16.76 5.80
N PHE B 364 -33.42 -15.52 6.24
CA PHE B 364 -34.73 -15.15 6.92
C PHE B 364 -35.75 -14.71 6.09
N THR B 365 -37.01 -15.09 6.07
CA THR B 365 -37.95 -14.58 5.07
C THR B 365 -39.10 -13.67 5.49
N VAL B 366 -39.23 -12.55 4.81
CA VAL B 366 -39.60 -11.14 5.60
C VAL B 366 -40.05 -10.09 4.58
N SER B 367 -40.53 -8.96 5.04
CA SER B 367 -40.60 -8.16 3.80
C SER B 367 -40.30 -6.74 4.15
N GLY B 368 -39.48 -6.20 3.27
CA GLY B 368 -39.18 -4.77 3.25
C GLY B 368 -37.96 -4.71 4.21
N VAL B 369 -36.86 -5.15 3.64
CA VAL B 369 -35.70 -5.39 4.38
C VAL B 369 -34.99 -4.05 4.19
N ALA B 370 -35.10 -3.21 5.19
CA ALA B 370 -34.78 -1.78 5.03
C ALA B 370 -33.61 -1.44 5.96
N ALA B 371 -33.16 -2.46 6.68
CA ALA B 371 -31.91 -2.34 7.45
C ALA B 371 -31.55 -3.73 7.98
N GLY B 372 -30.27 -4.03 7.91
CA GLY B 372 -29.80 -5.40 8.20
C GLY B 372 -28.73 -5.08 9.24
N ILE B 373 -28.76 -5.80 10.33
CA ILE B 373 -27.66 -5.75 11.32
C ILE B 373 -27.53 -7.17 11.87
N LEU B 374 -26.31 -7.61 12.02
CA LEU B 374 -26.02 -8.78 12.88
C LEU B 374 -24.62 -8.86 13.52
N LEU B 375 -24.50 -9.84 14.39
CA LEU B 375 -23.20 -10.17 14.99
C LEU B 375 -22.97 -11.69 15.03
N VAL B 376 -21.76 -12.10 14.69
CA VAL B 376 -21.48 -13.58 14.81
C VAL B 376 -20.12 -14.02 15.35
N GLY B 377 -20.16 -14.91 16.33
CA GLY B 377 -19.04 -15.06 17.19
C GLY B 377 -19.28 -16.51 17.63
N ARG B 378 -18.60 -17.41 16.95
CA ARG B 378 -18.58 -18.82 17.28
C ARG B 378 -18.85 -19.29 18.70
N ALA B 379 -19.80 -20.22 18.77
CA ALA B 379 -20.38 -20.68 20.04
C ALA B 379 -20.84 -22.18 19.92
N ARG B 380 -20.72 -22.74 21.11
CA ARG B 380 -21.22 -24.09 21.38
C ARG B 380 -22.69 -24.41 21.13
N ALA B 381 -23.05 -25.66 21.39
CA ALA B 381 -24.47 -26.02 21.66
C ALA B 381 -25.18 -25.18 22.72
N ASN B 382 -24.91 -23.89 22.67
CA ASN B 382 -25.46 -22.97 23.68
C ASN B 382 -26.85 -22.35 23.47
N VAL B 383 -27.57 -22.21 24.57
CA VAL B 383 -28.99 -21.83 24.48
C VAL B 383 -28.99 -20.51 23.70
N VAL B 384 -30.18 -20.07 23.33
CA VAL B 384 -30.34 -18.77 22.68
C VAL B 384 -31.84 -18.50 22.66
N ASN B 385 -32.55 -19.22 23.51
CA ASN B 385 -34.01 -19.02 23.63
C ASN B 385 -34.66 -18.94 25.00
N LEU B 386 -35.66 -18.10 25.11
CA LEU B 386 -36.44 -17.99 26.35
C LEU B 386 -36.96 -19.27 27.04
N LEU B 387 -37.73 -19.06 28.09
CA LEU B 387 -38.40 -20.18 28.77
C LEU B 387 -39.72 -19.66 29.34
N ILE C 67 54.53 2.97 -31.42
CA ILE C 67 53.38 3.23 -32.30
C ILE C 67 52.74 4.71 -32.21
N ILE C 68 51.46 4.87 -31.92
CA ILE C 68 50.89 6.20 -31.72
C ILE C 68 51.96 7.20 -31.37
N THR C 69 51.89 8.37 -32.00
CA THR C 69 53.00 9.32 -31.93
C THR C 69 52.57 10.61 -31.21
N HIS C 70 51.29 10.69 -30.92
CA HIS C 70 50.70 11.94 -30.44
C HIS C 70 51.62 13.10 -30.05
N VAL C 71 51.33 14.27 -30.61
CA VAL C 71 52.25 15.40 -30.47
C VAL C 71 51.99 16.49 -29.43
N GLY C 72 53.06 16.97 -28.84
CA GLY C 72 53.05 18.06 -27.87
C GLY C 72 52.92 17.49 -26.47
N GLY C 73 53.42 16.27 -26.33
CA GLY C 73 53.18 15.41 -25.18
C GLY C 73 54.60 15.02 -24.73
N VAL C 74 54.83 15.22 -23.45
CA VAL C 74 56.00 14.62 -22.79
C VAL C 74 55.28 13.71 -21.79
N GLY C 75 55.67 12.45 -21.79
CA GLY C 75 55.30 11.44 -20.82
C GLY C 75 54.76 12.31 -19.71
N GLY C 76 53.60 11.96 -19.24
CA GLY C 76 52.92 12.56 -18.06
C GLY C 76 51.90 13.69 -18.27
N SER C 77 51.46 13.80 -19.51
CA SER C 77 50.74 14.79 -19.96
C SER C 77 49.38 14.28 -20.42
N ILE C 78 48.45 15.21 -20.62
CA ILE C 78 47.02 14.85 -21.01
C ILE C 78 46.54 15.11 -22.41
N MET C 79 45.74 14.16 -22.87
CA MET C 79 45.25 14.16 -24.36
C MET C 79 43.73 14.18 -24.27
N ALA C 80 43.15 15.27 -24.75
CA ALA C 80 41.65 15.23 -24.87
C ALA C 80 41.33 15.18 -26.38
N PRO C 81 41.08 13.94 -26.79
CA PRO C 81 40.80 13.62 -28.23
C PRO C 81 39.52 14.08 -28.85
N VAL C 82 39.58 14.14 -30.17
CA VAL C 82 38.41 14.53 -30.97
C VAL C 82 37.15 13.68 -30.79
N ALA C 83 37.36 12.38 -30.64
CA ALA C 83 36.31 11.45 -30.29
C ALA C 83 36.66 10.07 -29.80
N VAL C 84 35.70 9.65 -28.98
CA VAL C 84 35.65 8.39 -28.38
C VAL C 84 34.29 7.57 -28.40
N SER C 85 34.46 6.26 -28.29
CA SER C 85 33.43 5.33 -28.78
C SER C 85 33.87 4.05 -28.06
N ARG C 86 32.90 3.35 -27.51
CA ARG C 86 33.32 1.75 -27.30
C ARG C 86 32.45 1.00 -28.30
N GLN C 87 32.76 -0.27 -28.48
CA GLN C 87 32.20 -1.16 -29.47
C GLN C 87 31.45 -2.24 -28.74
N LEU C 88 30.15 -2.30 -29.03
CA LEU C 88 29.27 -3.20 -28.27
C LEU C 88 28.72 -4.39 -29.07
N VAL C 89 28.80 -5.56 -28.46
CA VAL C 89 28.41 -6.81 -29.11
C VAL C 89 27.22 -7.60 -28.58
N GLY C 90 26.97 -8.69 -29.29
CA GLY C 90 25.97 -9.70 -28.97
C GLY C 90 26.12 -10.22 -27.54
N SER C 91 25.27 -9.73 -26.69
CA SER C 91 24.92 -10.24 -25.39
C SER C 91 23.97 -11.40 -25.39
N LYS C 92 24.52 -12.58 -25.37
CA LYS C 92 23.70 -13.81 -25.50
C LYS C 92 23.63 -14.41 -24.10
N PRO C 93 22.42 -14.45 -23.56
CA PRO C 93 22.23 -14.78 -22.14
C PRO C 93 22.72 -16.23 -21.73
N LYS C 94 23.28 -16.19 -20.52
CA LYS C 94 23.29 -17.36 -19.72
C LYS C 94 22.36 -17.57 -18.43
N PHE C 95 21.49 -18.54 -18.61
CA PHE C 95 20.86 -19.25 -17.47
C PHE C 95 21.79 -20.17 -16.67
N THR C 96 21.57 -20.10 -15.35
CA THR C 96 22.40 -20.99 -14.49
C THR C 96 21.28 -21.77 -13.79
N GLY C 97 21.50 -23.06 -13.62
CA GLY C 97 20.67 -24.03 -13.00
C GLY C 97 20.40 -24.13 -11.51
N ARG C 98 20.94 -23.22 -10.73
CA ARG C 98 20.72 -23.28 -9.25
C ARG C 98 19.65 -24.35 -9.19
N THR C 99 20.08 -25.59 -9.20
CA THR C 99 19.16 -26.72 -9.08
C THR C 99 17.96 -26.56 -8.10
N SER C 100 17.75 -25.38 -7.55
CA SER C 100 16.86 -25.23 -6.41
C SER C 100 15.35 -25.44 -6.63
N GLY C 101 14.60 -25.17 -5.55
CA GLY C 101 13.20 -25.54 -5.54
C GLY C 101 13.01 -25.83 -7.04
N GLY C 102 14.10 -26.21 -7.67
CA GLY C 102 14.11 -26.42 -9.14
C GLY C 102 13.87 -25.05 -9.82
N VAL C 103 14.35 -24.01 -9.15
CA VAL C 103 14.21 -22.65 -9.72
C VAL C 103 15.45 -21.87 -10.18
N THR C 104 15.12 -21.13 -11.23
CA THR C 104 16.14 -20.67 -12.17
C THR C 104 16.88 -19.32 -11.90
N VAL C 105 18.04 -19.21 -12.52
CA VAL C 105 18.78 -17.94 -12.53
C VAL C 105 19.29 -17.42 -13.92
N THR C 106 19.09 -16.13 -14.13
CA THR C 106 19.36 -15.53 -15.44
C THR C 106 20.38 -14.39 -15.32
N SER C 107 21.31 -14.38 -16.25
CA SER C 107 22.24 -13.11 -16.35
C SER C 107 22.45 -12.78 -17.81
N HIS C 108 21.87 -11.66 -18.21
CA HIS C 108 22.03 -11.24 -19.61
C HIS C 108 22.10 -9.71 -19.51
N ARG C 109 22.27 -9.08 -20.65
CA ARG C 109 22.55 -7.69 -20.86
C ARG C 109 21.39 -7.19 -21.71
N GLU C 110 20.52 -6.43 -21.08
CA GLU C 110 19.47 -5.64 -21.72
C GLU C 110 19.70 -4.13 -21.79
N TYR C 111 19.62 -3.59 -22.99
CA TYR C 111 19.76 -2.15 -23.30
C TYR C 111 18.57 -1.42 -22.67
N LEU C 112 18.63 -0.10 -22.55
CA LEU C 112 17.63 0.62 -21.77
C LEU C 112 17.09 1.92 -22.27
N THR C 113 17.86 2.89 -22.68
CA THR C 113 17.35 4.04 -23.47
C THR C 113 18.49 4.83 -24.09
N GLN C 114 18.11 5.73 -24.97
CA GLN C 114 19.12 6.60 -25.66
C GLN C 114 18.97 7.92 -24.89
N VAL C 115 19.99 8.22 -24.11
CA VAL C 115 20.07 9.55 -23.49
C VAL C 115 20.33 10.59 -24.58
N ASN C 116 19.26 11.35 -24.75
CA ASN C 116 19.22 12.66 -25.43
C ASN C 116 19.59 13.82 -24.48
N ASN C 117 20.11 14.89 -25.04
CA ASN C 117 20.38 16.13 -24.13
C ASN C 117 19.22 17.09 -23.69
N SER C 118 19.52 17.74 -22.60
CA SER C 118 18.60 18.75 -22.02
C SER C 118 19.15 20.05 -21.43
N SER C 119 19.44 20.99 -22.30
CA SER C 119 20.07 22.25 -21.87
C SER C 119 19.46 22.38 -20.48
N GLY C 120 18.14 22.27 -20.42
CA GLY C 120 17.35 22.76 -19.28
C GLY C 120 17.60 21.95 -18.00
N PHE C 121 16.76 20.97 -17.77
CA PHE C 121 17.01 19.99 -16.70
C PHE C 121 16.01 18.82 -16.72
N VAL C 122 16.42 17.80 -17.48
CA VAL C 122 15.50 16.66 -17.64
C VAL C 122 15.94 15.28 -17.15
N VAL C 123 14.96 14.42 -16.95
CA VAL C 123 15.22 13.14 -16.26
C VAL C 123 14.45 12.19 -17.18
N ASN C 124 14.69 10.90 -17.00
CA ASN C 124 14.21 9.90 -18.02
C ASN C 124 13.22 10.32 -19.10
N GLY C 125 13.49 11.48 -19.69
CA GLY C 125 12.74 11.90 -20.89
C GLY C 125 11.84 13.05 -20.46
N GLY C 126 12.04 13.50 -19.23
CA GLY C 126 11.09 14.45 -18.62
C GLY C 126 10.05 13.53 -18.39
N ILE C 127 10.22 12.24 -18.14
CA ILE C 127 9.07 11.39 -17.82
C ILE C 127 8.89 10.84 -16.40
N VAL C 128 7.65 10.73 -15.99
CA VAL C 128 7.39 11.18 -14.65
C VAL C 128 6.49 10.02 -14.24
N GLY C 129 6.57 9.64 -12.98
CA GLY C 129 5.85 8.46 -12.49
C GLY C 129 6.99 7.45 -12.54
N ASN C 130 7.93 7.61 -11.62
CA ASN C 130 9.09 6.69 -11.56
C ASN C 130 8.82 5.45 -12.41
N SER C 131 9.35 5.47 -13.62
CA SER C 131 9.17 4.34 -14.54
C SER C 131 10.33 3.36 -14.40
N LEU C 132 11.26 3.45 -15.34
CA LEU C 132 12.49 3.25 -14.49
C LEU C 132 12.66 2.19 -13.34
N GLN C 133 11.73 2.23 -12.41
CA GLN C 133 11.51 1.08 -11.52
C GLN C 133 12.16 -0.23 -11.96
N LEU C 134 13.31 -0.52 -11.38
CA LEU C 134 13.85 -1.86 -11.02
C LEU C 134 13.16 -3.09 -10.41
N ASN C 135 12.10 -3.52 -11.08
CA ASN C 135 11.47 -4.81 -10.73
C ASN C 135 11.41 -5.73 -11.73
N PRO C 136 11.61 -6.97 -12.14
CA PRO C 136 11.46 -7.32 -13.57
C PRO C 136 10.17 -7.98 -14.05
N SER C 137 9.18 -7.16 -14.34
CA SER C 137 8.85 -6.42 -15.09
C SER C 137 8.10 -5.09 -15.16
N ASN C 138 8.81 -4.07 -15.62
CA ASN C 138 9.03 -3.14 -15.81
C ASN C 138 9.02 -3.05 -17.34
N GLY C 139 8.49 -4.08 -17.97
CA GLY C 139 8.22 -4.02 -19.41
C GLY C 139 8.62 -2.64 -19.90
N THR C 140 8.37 -1.64 -19.08
CA THR C 140 8.92 -0.30 -19.31
C THR C 140 10.44 -0.24 -19.36
N LEU C 141 11.05 -0.90 -18.39
CA LEU C 141 12.52 -1.00 -18.36
C LEU C 141 13.23 -2.14 -19.08
N PHE C 142 12.89 -3.35 -18.68
CA PHE C 142 13.57 -4.57 -19.19
C PHE C 142 12.96 -5.30 -20.39
N SER C 143 13.52 -5.05 -21.56
CA SER C 143 12.92 -5.54 -22.80
C SER C 143 12.97 -7.04 -23.13
N TRP C 144 13.81 -7.75 -22.41
CA TRP C 144 13.91 -9.20 -22.57
C TRP C 144 13.36 -10.00 -21.38
N LEU C 145 13.83 -9.64 -20.20
CA LEU C 145 13.35 -10.27 -18.97
C LEU C 145 11.83 -10.21 -18.86
N PRO C 146 11.25 -9.29 -19.60
CA PRO C 146 9.79 -9.31 -19.82
C PRO C 146 9.05 -10.61 -19.47
N ALA C 147 9.42 -11.67 -20.17
CA ALA C 147 8.65 -12.91 -20.11
C ALA C 147 9.31 -14.20 -19.61
N LEU C 148 10.08 -14.07 -18.54
CA LEU C 148 10.59 -15.25 -17.83
C LEU C 148 10.18 -15.18 -16.36
N ALA C 149 10.51 -14.06 -15.74
CA ALA C 149 10.24 -13.77 -14.33
C ALA C 149 8.71 -13.73 -14.50
N SER C 150 8.23 -14.44 -15.51
CA SER C 150 6.81 -14.37 -15.87
C SER C 150 6.26 -15.77 -15.63
N ASN C 151 7.16 -16.71 -15.43
CA ASN C 151 6.78 -18.05 -14.97
C ASN C 151 7.19 -18.10 -13.50
N PHE C 152 7.55 -16.95 -12.97
CA PHE C 152 7.95 -16.85 -11.55
C PHE C 152 7.41 -15.72 -10.69
N ASP C 153 7.60 -15.87 -9.39
CA ASP C 153 6.94 -14.98 -8.41
C ASP C 153 7.78 -14.18 -7.42
N GLN C 154 9.04 -14.54 -7.31
CA GLN C 154 9.95 -13.85 -6.40
C GLN C 154 11.20 -13.56 -7.24
N TYR C 155 11.77 -12.38 -7.03
CA TYR C 155 12.89 -11.97 -7.85
C TYR C 155 13.98 -11.62 -6.85
N SER C 156 15.22 -11.74 -7.29
CA SER C 156 16.35 -11.21 -6.50
C SER C 156 17.66 -11.15 -7.29
N PHE C 157 18.33 -10.02 -7.19
CA PHE C 157 19.33 -9.66 -8.17
C PHE C 157 20.60 -10.15 -7.47
N ASN C 158 21.74 -9.82 -8.04
CA ASN C 158 23.02 -10.11 -7.40
C ASN C 158 23.96 -9.03 -7.92
N SER C 159 23.73 -8.64 -9.17
CA SER C 159 24.56 -7.60 -9.80
C SER C 159 23.58 -6.83 -10.69
N VAL C 160 23.70 -5.52 -10.67
CA VAL C 160 23.06 -4.70 -11.69
C VAL C 160 24.01 -3.49 -11.77
N VAL C 161 24.34 -3.10 -12.98
CA VAL C 161 25.41 -2.12 -13.19
C VAL C 161 24.80 -1.30 -14.33
N LEU C 162 24.90 0.02 -14.19
CA LEU C 162 24.51 0.90 -15.31
C LEU C 162 25.76 1.11 -16.17
N ASP C 163 25.57 1.05 -17.47
CA ASP C 163 26.69 1.26 -18.40
C ASP C 163 26.27 2.48 -19.22
N TYR C 164 27.19 3.41 -19.34
CA TYR C 164 26.99 4.55 -20.27
C TYR C 164 28.01 4.85 -21.38
N VAL C 165 27.67 4.43 -22.59
CA VAL C 165 28.60 4.56 -23.72
C VAL C 165 28.13 5.89 -24.30
N PRO C 166 28.81 6.33 -25.35
CA PRO C 166 28.44 7.58 -26.02
C PRO C 166 28.53 7.71 -27.53
N LEU C 167 27.39 7.89 -28.18
CA LEU C 167 27.38 8.22 -29.61
C LEU C 167 27.95 9.56 -30.06
N CYS C 168 27.84 10.54 -29.19
CA CYS C 168 28.29 11.91 -29.51
C CYS C 168 29.81 12.10 -29.52
N GLY C 169 30.22 13.35 -29.61
CA GLY C 169 31.65 13.67 -29.72
C GLY C 169 32.27 14.72 -28.80
N THR C 170 33.56 14.58 -28.57
CA THR C 170 34.24 15.39 -27.54
C THR C 170 34.06 16.92 -27.56
N THR C 171 32.92 17.35 -28.06
CA THR C 171 32.71 18.77 -28.34
C THR C 171 31.24 19.16 -28.12
N GLU C 172 30.44 18.17 -27.80
CA GLU C 172 29.06 18.42 -27.36
C GLU C 172 29.38 19.12 -26.03
N VAL C 173 28.34 19.68 -25.43
CA VAL C 173 28.52 20.56 -24.26
C VAL C 173 27.38 20.38 -23.27
N GLY C 174 27.56 19.44 -22.36
CA GLY C 174 26.48 19.06 -21.43
C GLY C 174 26.78 18.15 -20.25
N ARG C 175 25.71 17.61 -19.67
CA ARG C 175 25.85 16.79 -18.46
C ARG C 175 24.89 15.63 -18.62
N VAL C 176 25.34 14.45 -18.23
CA VAL C 176 24.44 13.29 -18.11
C VAL C 176 24.65 12.94 -16.64
N ALA C 177 23.77 12.10 -16.13
CA ALA C 177 23.91 11.61 -14.75
C ALA C 177 23.04 10.45 -14.26
N LEU C 178 23.69 9.33 -13.96
CA LEU C 178 22.99 8.19 -13.37
C LEU C 178 22.96 8.02 -11.84
N TYR C 179 21.75 7.90 -11.31
CA TYR C 179 21.59 7.66 -9.88
C TYR C 179 20.75 6.47 -9.40
N PHE C 180 20.62 6.36 -8.10
CA PHE C 180 19.81 5.29 -7.50
C PHE C 180 19.06 5.53 -6.19
N ASP C 181 17.74 5.58 -6.30
CA ASP C 181 16.89 5.75 -5.10
C ASP C 181 16.35 4.41 -4.61
N LYS C 182 16.70 4.08 -3.38
CA LYS C 182 16.07 2.92 -2.71
C LYS C 182 14.55 2.87 -2.50
N ASP C 183 13.93 4.03 -2.60
CA ASP C 183 12.46 4.11 -2.64
C ASP C 183 11.76 4.17 -3.98
N SER C 184 11.62 3.01 -4.60
CA SER C 184 10.83 2.91 -5.84
C SER C 184 9.72 3.94 -6.04
N GLN C 185 9.48 4.72 -5.00
CA GLN C 185 8.30 5.59 -4.98
C GLN C 185 8.47 7.10 -4.76
N ASP C 186 9.56 7.46 -4.11
CA ASP C 186 9.87 8.88 -3.88
C ASP C 186 9.73 9.42 -5.30
N PRO C 187 9.72 10.74 -5.40
CA PRO C 187 9.37 11.40 -6.66
C PRO C 187 10.75 11.71 -7.25
N GLU C 188 10.74 12.49 -8.32
CA GLU C 188 11.95 12.72 -9.10
C GLU C 188 12.83 13.94 -8.82
N PRO C 189 14.05 13.89 -9.30
CA PRO C 189 14.93 15.06 -9.26
C PRO C 189 14.42 16.42 -9.74
N ALA C 190 14.33 17.35 -8.82
CA ALA C 190 14.07 18.75 -9.18
C ALA C 190 15.12 19.57 -9.95
N ASP C 191 16.33 19.57 -9.44
CA ASP C 191 17.38 20.47 -9.97
C ASP C 191 18.79 19.91 -9.88
N ARG C 192 19.76 20.79 -10.13
CA ARG C 192 21.17 20.44 -9.88
C ARG C 192 21.58 19.92 -8.50
N VAL C 193 21.18 20.65 -7.47
CA VAL C 193 21.69 20.41 -6.12
C VAL C 193 21.07 19.11 -5.54
N GLU C 194 19.92 18.76 -6.08
CA GLU C 194 19.21 17.55 -5.63
C GLU C 194 19.77 16.26 -6.21
N LEU C 195 20.11 16.31 -7.49
CA LEU C 195 20.54 15.11 -8.20
C LEU C 195 21.78 14.72 -7.41
N ALA C 196 22.69 15.67 -7.28
CA ALA C 196 24.01 15.39 -6.70
C ALA C 196 24.12 14.79 -5.30
N ASN C 197 23.06 14.98 -4.53
CA ASN C 197 23.03 14.48 -3.14
C ASN C 197 22.75 13.00 -2.87
N PHE C 198 22.14 12.36 -3.85
CA PHE C 198 22.10 10.88 -3.86
C PHE C 198 23.35 10.07 -3.53
N GLY C 199 23.18 9.09 -2.66
CA GLY C 199 24.23 8.10 -2.42
C GLY C 199 24.93 7.42 -3.61
N VAL C 200 24.15 6.66 -4.36
CA VAL C 200 24.64 6.06 -5.59
C VAL C 200 24.48 6.80 -6.95
N LEU C 201 25.15 7.93 -7.04
CA LEU C 201 25.20 8.69 -8.30
C LEU C 201 26.52 8.80 -9.07
N LYS C 202 26.40 9.06 -10.36
CA LYS C 202 27.58 9.35 -11.19
C LYS C 202 27.39 10.59 -12.07
N GLU C 203 28.45 11.37 -12.18
CA GLU C 203 28.37 12.65 -12.89
C GLU C 203 29.36 12.78 -14.05
N THR C 204 28.85 12.62 -15.25
CA THR C 204 29.70 12.67 -16.45
C THR C 204 29.36 13.77 -17.43
N ALA C 205 30.39 14.28 -18.08
CA ALA C 205 30.19 15.19 -19.21
C ALA C 205 29.38 14.10 -19.92
N PRO C 206 28.92 14.42 -21.12
CA PRO C 206 28.27 13.42 -21.98
C PRO C 206 29.17 12.58 -22.87
N TRP C 207 30.04 13.26 -23.60
CA TRP C 207 31.03 12.57 -24.43
C TRP C 207 31.94 11.50 -23.81
N ALA C 208 32.25 11.69 -22.55
CA ALA C 208 33.04 10.69 -21.81
C ALA C 208 32.36 9.53 -21.06
N GLU C 209 33.09 8.44 -20.89
CA GLU C 209 32.47 7.12 -20.76
C GLU C 209 32.31 6.78 -19.28
N ALA C 210 31.14 6.26 -18.94
CA ALA C 210 30.72 6.21 -17.54
C ALA C 210 30.16 4.90 -16.95
N MET C 211 30.26 4.78 -15.64
CA MET C 211 29.65 3.64 -14.94
C MET C 211 28.86 3.81 -13.64
N LEU C 212 27.96 2.86 -13.40
CA LEU C 212 27.32 2.76 -12.09
C LEU C 212 26.85 1.37 -11.65
N ARG C 213 27.25 0.99 -10.45
CA ARG C 213 26.90 -0.33 -9.92
C ARG C 213 25.88 -0.15 -8.80
N ILE C 214 24.96 -1.08 -8.71
CA ILE C 214 23.80 -0.92 -7.83
C ILE C 214 23.65 -1.79 -6.58
N PRO C 215 23.29 -1.15 -5.49
CA PRO C 215 23.32 -1.82 -4.18
C PRO C 215 22.17 -2.81 -4.04
N THR C 216 22.50 -4.08 -4.13
CA THR C 216 21.47 -5.14 -4.12
C THR C 216 21.42 -5.84 -2.79
N ASP C 217 20.23 -5.94 -2.23
CA ASP C 217 20.04 -6.74 -1.01
C ASP C 217 19.74 -8.13 -1.57
N LYS C 218 19.39 -9.04 -0.67
CA LYS C 218 18.92 -10.37 -1.08
C LYS C 218 17.56 -10.69 -0.46
N VAL C 219 16.70 -9.69 -0.45
CA VAL C 219 15.44 -9.79 0.30
C VAL C 219 14.56 -10.49 -0.74
N LYS C 220 13.74 -11.41 -0.26
CA LYS C 220 12.62 -11.91 -1.07
C LYS C 220 11.43 -11.32 -1.67
N ARG C 221 11.63 -10.65 -2.78
CA ARG C 221 10.83 -9.45 -3.09
C ARG C 221 9.88 -10.02 -4.14
N TYR C 222 8.69 -9.44 -4.21
CA TYR C 222 7.69 -9.85 -5.19
C TYR C 222 7.57 -9.15 -6.52
N CYS C 223 7.28 -9.90 -7.57
CA CYS C 223 7.02 -9.30 -8.88
C CYS C 223 5.46 -8.50 -8.86
N ASN C 224 5.16 -7.75 -9.92
CA ASN C 224 3.81 -7.22 -10.10
C ASN C 224 2.79 -8.02 -10.91
N ASP C 225 2.44 -9.18 -10.40
CA ASP C 225 1.43 -10.03 -11.06
C ASP C 225 0.02 -9.90 -10.52
N SER C 226 -0.13 -10.05 -9.22
CA SER C 226 -1.08 -9.20 -8.48
C SER C 226 -0.69 -7.78 -8.09
N ALA C 227 -1.70 -6.96 -7.82
CA ALA C 227 -1.17 -5.52 -7.83
C ALA C 227 -1.18 -4.88 -6.43
N THR C 228 -0.36 -3.89 -6.26
CA THR C 228 0.29 -3.60 -5.09
C THR C 228 0.59 -2.09 -5.17
N VAL C 229 -0.09 -1.33 -4.35
CA VAL C 229 0.09 0.13 -4.34
C VAL C 229 1.37 0.68 -3.69
N ASP C 230 1.95 -0.10 -2.81
CA ASP C 230 3.16 0.33 -2.10
C ASP C 230 4.38 -0.13 -2.89
N GLN C 231 4.31 0.07 -4.20
CA GLN C 231 5.49 -0.17 -5.05
C GLN C 231 6.90 -0.11 -4.46
N LYS C 232 6.99 0.49 -3.28
CA LYS C 232 8.25 0.50 -2.56
C LYS C 232 8.68 -0.75 -1.77
N LEU C 233 7.76 -1.27 -0.99
CA LEU C 233 7.96 -2.57 -0.34
C LEU C 233 8.14 -3.84 -1.20
N ILE C 234 8.06 -3.64 -2.50
CA ILE C 234 8.23 -4.75 -3.46
C ILE C 234 9.38 -4.54 -4.46
N ASP C 235 9.44 -3.33 -4.99
CA ASP C 235 10.59 -2.92 -5.80
C ASP C 235 11.97 -2.77 -5.16
N LEU C 236 12.97 -3.33 -5.83
CA LEU C 236 14.37 -3.08 -5.44
C LEU C 236 14.89 -1.65 -5.35
N GLY C 237 14.81 -0.94 -6.47
CA GLY C 237 15.09 0.51 -6.46
C GLY C 237 14.38 1.44 -7.47
N GLN C 238 14.90 2.65 -7.57
CA GLN C 238 14.45 3.58 -8.62
C GLN C 238 15.91 3.64 -9.47
N LEU C 239 15.74 3.95 -10.73
CA LEU C 239 16.90 4.30 -11.59
C LEU C 239 16.69 5.67 -12.22
N GLY C 240 17.64 6.55 -12.00
CA GLY C 240 17.68 7.82 -12.73
C GLY C 240 18.73 8.05 -13.83
N ILE C 241 18.37 8.90 -14.78
CA ILE C 241 19.34 9.35 -15.79
C ILE C 241 18.90 10.80 -15.96
N ALA C 242 19.86 11.70 -15.87
CA ALA C 242 19.54 13.14 -15.80
C ALA C 242 20.57 13.95 -16.60
N THR C 243 20.07 14.93 -17.33
CA THR C 243 20.93 15.71 -18.23
C THR C 243 20.50 17.15 -17.90
N TYR C 244 21.48 17.97 -17.57
CA TYR C 244 21.31 19.43 -17.68
C TYR C 244 22.39 20.14 -18.48
N GLY C 245 22.19 21.43 -18.69
CA GLY C 245 23.24 22.27 -19.28
C GLY C 245 23.66 22.07 -20.73
N GLY C 246 22.78 21.44 -21.49
CA GLY C 246 23.08 21.16 -22.91
C GLY C 246 23.27 22.34 -23.85
N ALA C 247 22.94 22.11 -25.11
CA ALA C 247 22.54 23.22 -26.00
C ALA C 247 21.39 22.83 -26.93
N GLY C 248 21.07 21.55 -26.94
CA GLY C 248 20.01 21.04 -27.80
C GLY C 248 19.63 19.64 -27.31
N ALA C 249 18.40 19.26 -27.57
CA ALA C 249 17.85 18.03 -26.98
C ALA C 249 18.09 16.95 -28.05
N ASP C 250 19.32 16.88 -28.51
CA ASP C 250 19.74 15.77 -29.38
C ASP C 250 20.42 14.64 -28.59
N ALA C 251 20.87 13.64 -29.33
CA ALA C 251 21.40 12.42 -28.70
C ALA C 251 22.92 12.32 -28.55
N VAL C 252 23.34 11.82 -27.41
CA VAL C 252 24.77 11.86 -27.05
C VAL C 252 25.08 10.49 -26.46
N GLY C 253 24.05 9.88 -25.88
CA GLY C 253 24.25 8.66 -25.08
C GLY C 253 23.26 7.52 -25.20
N GLU C 254 23.73 6.31 -25.03
CA GLU C 254 22.84 5.14 -25.07
C GLU C 254 23.42 4.31 -23.93
N LEU C 255 22.56 3.91 -23.02
CA LEU C 255 22.88 3.39 -21.73
C LEU C 255 22.44 1.93 -21.83
N PHE C 256 23.20 1.10 -21.15
CA PHE C 256 22.85 -0.33 -20.97
C PHE C 256 22.58 -0.89 -19.57
N LEU C 257 22.17 -2.13 -19.50
CA LEU C 257 21.78 -2.80 -18.27
C LEU C 257 22.42 -4.14 -17.98
N ALA C 258 23.43 -4.11 -17.11
CA ALA C 258 24.10 -5.33 -16.62
C ALA C 258 23.35 -6.21 -15.64
N ARG C 259 22.87 -7.34 -16.14
CA ARG C 259 21.88 -8.13 -15.40
C ARG C 259 22.30 -9.42 -14.69
N SER C 260 21.69 -9.66 -13.54
CA SER C 260 21.87 -10.96 -12.87
C SER C 260 20.71 -11.31 -11.78
N VAL C 261 19.75 -12.14 -12.17
CA VAL C 261 18.55 -12.36 -11.35
C VAL C 261 18.20 -13.78 -10.93
N THR C 262 17.65 -13.91 -9.73
CA THR C 262 17.44 -15.24 -9.13
C THR C 262 15.93 -15.46 -9.15
N LEU C 263 15.51 -16.45 -9.93
CA LEU C 263 14.07 -16.62 -10.20
C LEU C 263 13.74 -17.75 -8.97
N TYR C 264 12.50 -17.68 -8.54
CA TYR C 264 12.07 -18.44 -7.36
C TYR C 264 10.65 -18.94 -7.64
N PHE C 265 10.04 -19.51 -6.62
CA PHE C 265 8.77 -20.22 -6.82
C PHE C 265 8.02 -20.10 -8.14
N PRO C 266 8.54 -20.77 -9.15
CA PRO C 266 7.95 -20.69 -10.49
C PRO C 266 6.48 -21.07 -10.71
N GLN C 267 5.68 -20.17 -11.25
CA GLN C 267 4.21 -20.39 -11.35
C GLN C 267 3.58 -20.55 -12.77
N PRO C 268 2.34 -21.01 -12.78
CA PRO C 268 1.49 -20.88 -13.97
C PRO C 268 1.92 -19.48 -14.44
N THR C 269 2.13 -19.37 -15.74
CA THR C 269 2.63 -18.11 -16.31
C THR C 269 1.68 -16.92 -16.48
N ASN C 270 1.96 -15.86 -15.73
CA ASN C 270 1.13 -14.65 -15.81
C ASN C 270 1.03 -13.88 -17.13
N THR C 271 -0.15 -13.32 -17.36
CA THR C 271 -0.42 -12.65 -18.65
C THR C 271 0.11 -11.23 -18.55
N LEU C 272 0.47 -10.67 -19.69
CA LEU C 272 1.20 -9.39 -19.72
C LEU C 272 0.29 -8.29 -20.28
N LEU C 273 -1.00 -8.57 -20.28
CA LEU C 273 -1.98 -7.60 -20.78
C LEU C 273 -2.67 -6.42 -20.67
C LEU C 273 -2.32 -6.36 -19.95
N SER C 274 -2.55 -5.14 -21.01
N SER C 274 -2.51 -5.25 -20.65
CA SER C 274 -2.91 -4.08 -20.07
CA SER C 274 -2.93 -4.01 -19.99
C SER C 274 -4.35 -3.54 -20.01
C SER C 274 -4.42 -3.66 -20.13
N SER C 275 -4.80 -3.24 -18.80
N SER C 275 -5.04 -3.44 -18.99
CA SER C 275 -6.19 -2.92 -18.50
C SER C 275 -6.10 -1.52 -17.89
N LYS C 276 -6.83 -0.56 -18.45
CA LYS C 276 -6.75 0.81 -17.91
C LYS C 276 -7.97 1.70 -17.92
N ARG C 277 -8.62 1.72 -16.77
CA ARG C 277 -9.91 2.43 -16.63
C ARG C 277 -9.88 3.88 -16.22
N LEU C 278 -10.54 4.73 -16.98
CA LEU C 278 -10.77 6.11 -16.55
C LEU C 278 -12.30 6.07 -15.87
N ASP C 279 -12.30 6.57 -14.65
CA ASP C 279 -13.56 6.97 -13.99
C ASP C 279 -14.57 7.63 -14.94
N LEU C 280 -15.83 7.54 -14.58
CA LEU C 280 -16.76 8.47 -15.74
C LEU C 280 -16.36 9.92 -15.98
N THR C 281 -16.39 10.69 -14.91
CA THR C 281 -15.99 12.12 -14.99
C THR C 281 -14.52 12.03 -14.56
N GLY C 282 -14.18 10.92 -13.95
CA GLY C 282 -12.96 10.86 -13.12
C GLY C 282 -11.64 10.73 -13.77
N SER C 283 -10.89 10.43 -12.72
CA SER C 283 -9.45 10.18 -12.88
C SER C 283 -8.94 8.80 -13.28
N LEU C 284 -9.44 7.79 -12.58
CA LEU C 284 -8.74 6.52 -12.57
C LEU C 284 -9.40 5.35 -11.85
N ALA C 285 -9.65 4.30 -12.60
CA ALA C 285 -10.48 3.15 -12.00
C ALA C 285 -9.81 1.91 -11.40
N ASP C 286 -9.02 1.25 -12.22
CA ASP C 286 -8.40 -0.03 -11.82
C ASP C 286 -7.04 0.09 -12.52
N ALA C 287 -6.18 -0.86 -12.16
CA ALA C 287 -5.13 -1.17 -12.97
C ALA C 287 -4.73 -2.67 -12.89
N THR C 288 -3.92 -3.12 -13.83
CA THR C 288 -3.48 -4.52 -13.84
C THR C 288 -2.01 -4.43 -14.26
N GLY C 289 -1.79 -3.78 -15.39
CA GLY C 289 -0.42 -3.44 -15.80
C GLY C 289 0.20 -4.84 -15.88
N PRO C 290 1.48 -4.87 -16.22
CA PRO C 290 2.28 -3.65 -16.29
C PRO C 290 1.64 -2.31 -16.68
N GLY C 291 2.48 -1.29 -16.79
CA GLY C 291 2.05 -0.02 -17.39
C GLY C 291 2.86 0.59 -18.54
N TYR C 292 2.40 0.33 -19.76
CA TYR C 292 2.94 1.03 -20.93
C TYR C 292 2.29 2.34 -21.20
N LEU C 293 1.04 2.41 -20.79
CA LEU C 293 0.21 3.57 -21.12
C LEU C 293 -0.38 4.33 -20.05
N VAL C 294 -0.56 5.64 -20.08
CA VAL C 294 -1.54 6.27 -19.20
C VAL C 294 -2.65 6.87 -19.98
N LEU C 295 -3.86 6.72 -19.48
CA LEU C 295 -5.05 7.12 -20.23
C LEU C 295 -5.73 7.85 -19.05
N THR C 296 -5.35 9.05 -19.47
CA THR C 296 -6.16 10.24 -19.16
C THR C 296 -7.28 10.64 -20.24
N ARG C 297 -8.26 11.27 -19.61
CA ARG C 297 -9.08 12.27 -20.30
C ARG C 297 -8.78 13.77 -20.05
N THR C 298 -9.22 14.61 -20.97
CA THR C 298 -9.52 16.01 -20.65
C THR C 298 -10.98 16.07 -21.08
N PRO C 299 -11.70 17.03 -20.51
CA PRO C 299 -13.16 17.07 -20.67
C PRO C 299 -13.60 16.66 -22.12
N THR C 300 -12.80 16.67 -23.16
CA THR C 300 -13.31 16.47 -24.52
C THR C 300 -12.89 15.10 -25.28
N VAL C 301 -11.73 14.86 -24.70
CA VAL C 301 -10.61 14.27 -25.45
C VAL C 301 -9.62 13.49 -24.57
N LEU C 302 -9.19 12.35 -25.10
CA LEU C 302 -8.35 11.45 -24.47
C LEU C 302 -6.86 11.75 -24.59
N THR C 303 -6.10 10.94 -23.87
CA THR C 303 -4.68 11.07 -23.90
C THR C 303 -4.27 9.59 -23.82
N HIS C 304 -3.37 9.22 -24.70
CA HIS C 304 -2.74 7.89 -24.61
C HIS C 304 -1.23 8.11 -24.71
N THR C 305 -0.56 7.99 -23.58
CA THR C 305 0.71 8.66 -23.41
C THR C 305 1.61 7.44 -23.23
N PHE C 306 2.49 7.26 -24.20
CA PHE C 306 3.41 6.11 -24.20
C PHE C 306 4.66 6.25 -23.34
N ARG C 307 5.06 5.12 -22.80
CA ARG C 307 6.12 4.91 -21.82
C ARG C 307 7.06 3.72 -22.30
N ALA C 308 6.47 3.15 -23.33
CA ALA C 308 6.89 1.83 -23.80
C ALA C 308 7.23 2.21 -25.30
N THR C 309 8.03 1.36 -25.91
CA THR C 309 8.17 1.34 -27.38
C THR C 309 7.94 0.01 -28.11
N GLY C 310 7.33 0.10 -29.28
CA GLY C 310 7.25 -1.11 -30.21
C GLY C 310 6.00 -1.22 -31.03
N THR C 311 5.51 -2.42 -31.22
CA THR C 311 4.24 -2.62 -31.93
C THR C 311 3.35 -3.05 -30.75
N PHE C 312 2.21 -2.42 -30.65
CA PHE C 312 1.25 -2.73 -29.60
C PHE C 312 0.00 -3.28 -30.18
N ASN C 313 -0.93 -3.67 -29.34
CA ASN C 313 -2.34 -3.67 -29.73
C ASN C 313 -3.41 -3.21 -28.73
N LEU C 314 -4.29 -2.35 -29.19
CA LEU C 314 -4.89 -1.44 -28.58
C LEU C 314 -6.21 -2.19 -28.72
N SER C 315 -6.93 -2.28 -27.61
CA SER C 315 -8.38 -2.51 -27.68
C SER C 315 -9.29 -1.93 -26.61
N GLY C 316 -10.44 -1.44 -27.04
CA GLY C 316 -11.24 -0.61 -26.41
C GLY C 316 -12.16 0.33 -27.19
N GLY C 317 -12.83 1.16 -26.43
CA GLY C 317 -13.62 2.31 -26.99
C GLY C 317 -13.92 3.10 -25.71
N LEU C 318 -14.98 3.88 -25.74
CA LEU C 318 -15.21 4.87 -24.60
C LEU C 318 -16.59 5.53 -24.65
N ARG C 319 -16.83 6.38 -23.66
CA ARG C 319 -18.02 7.25 -23.67
C ARG C 319 -17.82 8.68 -24.15
N CYS C 320 -18.61 9.02 -25.15
CA CYS C 320 -18.56 10.30 -25.95
C CYS C 320 -20.05 10.44 -26.49
N LEU C 321 -20.10 11.41 -27.38
CA LEU C 321 -20.97 11.31 -28.57
C LEU C 321 -20.74 12.22 -29.77
N THR C 322 -20.12 11.66 -30.80
CA THR C 322 -19.10 12.40 -31.43
C THR C 322 -18.06 11.27 -32.03
N SER C 323 -18.06 11.49 -33.33
CA SER C 323 -17.24 10.67 -34.23
C SER C 323 -15.80 10.90 -33.83
N LEU C 324 -15.08 9.85 -33.46
CA LEU C 324 -13.50 9.84 -33.48
C LEU C 324 -12.43 10.38 -34.35
N THR C 325 -11.70 11.47 -34.14
CA THR C 325 -10.63 11.84 -35.08
C THR C 325 -9.29 11.50 -34.43
N LEU C 326 -8.50 10.70 -35.13
CA LEU C 326 -7.46 9.91 -34.68
C LEU C 326 -6.30 10.95 -35.00
N GLY C 327 -5.64 11.33 -33.92
CA GLY C 327 -4.42 12.15 -34.01
C GLY C 327 -3.56 11.17 -32.95
N ALA C 328 -2.35 11.51 -33.35
CA ALA C 328 -1.18 11.30 -32.47
C ALA C 328 0.15 12.00 -32.79
N THR C 329 1.04 11.97 -31.81
CA THR C 329 2.24 12.82 -31.85
C THR C 329 3.60 12.24 -31.47
N GLY C 330 4.61 12.59 -32.25
CA GLY C 330 5.93 11.95 -32.09
C GLY C 330 6.26 10.69 -32.89
N ALA C 331 7.21 9.93 -32.39
CA ALA C 331 7.62 8.66 -33.07
C ALA C 331 6.27 7.95 -33.10
N VAL C 332 5.75 7.75 -34.30
CA VAL C 332 4.55 6.89 -34.47
C VAL C 332 4.16 6.38 -35.85
N VAL C 333 3.83 5.11 -35.92
CA VAL C 333 3.65 4.43 -37.21
C VAL C 333 2.30 3.83 -37.06
N ILE C 334 1.21 4.44 -37.51
CA ILE C 334 -0.11 3.90 -37.24
C ILE C 334 -0.24 2.67 -38.13
N ASN C 335 -0.98 1.68 -37.64
CA ASN C 335 -1.00 0.36 -38.28
C ASN C 335 -2.43 -0.01 -38.69
N ASP C 336 -3.30 -0.09 -37.70
CA ASP C 336 -4.73 -0.23 -37.98
C ASP C 336 -5.62 0.56 -37.01
N ILE C 337 -6.34 1.52 -37.56
CA ILE C 337 -7.26 2.32 -36.73
C ILE C 337 -8.63 1.83 -37.20
N LEU C 338 -9.40 1.29 -36.26
CA LEU C 338 -10.81 1.00 -36.49
C LEU C 338 -11.51 1.57 -35.22
N ALA C 339 -12.74 1.93 -35.54
CA ALA C 339 -13.33 3.17 -35.01
C ALA C 339 -14.83 2.97 -35.28
N ILE C 340 -15.50 2.36 -34.33
CA ILE C 340 -16.95 2.10 -34.47
C ILE C 340 -17.36 3.43 -33.75
N ASP C 341 -18.39 4.16 -34.14
CA ASP C 341 -19.24 4.85 -33.16
C ASP C 341 -20.75 4.71 -33.38
N ASN C 342 -21.51 5.42 -32.56
CA ASN C 342 -22.95 5.17 -32.46
C ASN C 342 -23.56 6.56 -32.26
N VAL C 343 -22.72 7.57 -32.39
CA VAL C 343 -23.08 8.91 -31.94
C VAL C 343 -24.29 9.11 -31.02
N GLY C 344 -24.07 9.80 -29.92
CA GLY C 344 -25.12 9.97 -28.91
C GLY C 344 -24.46 9.19 -27.77
N THR C 345 -24.01 8.00 -28.09
CA THR C 345 -23.57 7.05 -27.06
C THR C 345 -22.04 7.06 -27.29
N ALA C 346 -21.44 6.63 -26.18
CA ALA C 346 -20.21 5.84 -26.24
C ALA C 346 -19.69 5.36 -27.61
N SER C 347 -18.43 4.97 -27.57
CA SER C 347 -17.84 4.20 -28.67
C SER C 347 -16.67 3.22 -28.39
N ASP C 348 -16.20 2.64 -29.48
CA ASP C 348 -15.19 1.57 -29.39
C ASP C 348 -14.06 2.07 -30.32
N TYR C 349 -12.86 1.73 -29.93
CA TYR C 349 -11.72 1.75 -30.87
C TYR C 349 -10.83 0.53 -30.65
N PHE C 350 -10.54 -0.09 -31.77
CA PHE C 350 -9.40 -1.02 -31.86
C PHE C 350 -8.45 -0.19 -32.72
N LEU C 351 -7.15 -0.39 -32.50
CA LEU C 351 -6.15 0.21 -33.41
C LEU C 351 -4.88 -0.57 -33.07
N ASN C 352 -3.87 -0.27 -33.83
CA ASN C 352 -2.60 -1.24 -33.81
C ASN C 352 -1.79 0.00 -34.28
N CYS C 353 -0.68 0.18 -33.61
CA CYS C 353 0.18 1.35 -33.90
C CYS C 353 1.54 0.78 -33.61
N THR C 354 2.55 1.59 -33.90
CA THR C 354 3.92 1.27 -33.49
C THR C 354 5.05 2.38 -33.22
N VAL C 355 5.25 2.47 -31.92
CA VAL C 355 5.98 3.62 -31.36
C VAL C 355 7.58 3.31 -31.52
N SER C 356 8.42 4.27 -31.85
CA SER C 356 9.83 4.20 -31.43
C SER C 356 10.62 5.46 -31.10
N SER C 357 9.97 5.92 -30.04
CA SER C 357 10.37 7.17 -29.39
C SER C 357 9.76 7.56 -28.04
N LEU C 358 10.24 8.67 -27.51
CA LEU C 358 9.51 9.37 -26.44
C LEU C 358 10.10 10.72 -26.82
N PRO C 359 9.23 11.64 -27.21
CA PRO C 359 7.78 11.42 -27.05
C PRO C 359 6.97 10.78 -28.18
N ALA C 360 6.40 9.63 -27.88
CA ALA C 360 5.25 9.13 -28.66
C ALA C 360 4.11 9.70 -27.83
N THR C 361 3.12 10.24 -28.53
CA THR C 361 1.77 10.48 -27.92
C THR C 361 0.80 9.78 -28.88
N VAL C 362 -0.12 9.04 -28.30
CA VAL C 362 -1.64 9.44 -29.09
C VAL C 362 -2.88 9.91 -28.32
N THR C 363 -3.72 10.57 -29.10
CA THR C 363 -4.98 11.07 -28.52
C THR C 363 -6.15 10.89 -29.49
N PHE C 364 -7.27 10.46 -28.94
CA PHE C 364 -8.57 10.43 -29.72
C PHE C 364 -9.35 11.59 -29.67
N THR C 365 -9.91 12.23 -30.68
CA THR C 365 -10.64 13.49 -30.46
C THR C 365 -12.14 13.55 -30.67
N VAL C 366 -12.85 14.08 -29.69
CA VAL C 366 -14.28 13.39 -29.25
C VAL C 366 -15.06 14.37 -28.36
N SER C 367 -16.30 14.06 -28.04
CA SER C 367 -16.59 15.09 -27.02
C SER C 367 -17.48 14.47 -25.99
N GLY C 368 -17.09 14.80 -24.77
CA GLY C 368 -17.90 14.51 -23.58
C GLY C 368 -17.38 13.08 -23.22
N VAL C 369 -16.19 13.12 -22.64
CA VAL C 369 -15.45 11.96 -22.43
C VAL C 369 -15.88 11.64 -21.00
N ALA C 370 -16.80 10.70 -20.88
CA ALA C 370 -17.56 10.53 -19.63
C ALA C 370 -17.26 9.13 -19.10
N ALA C 371 -16.44 8.40 -19.83
CA ALA C 371 -15.90 7.13 -19.33
C ALA C 371 -14.81 6.67 -20.30
N GLY C 372 -13.73 6.16 -19.74
CA GLY C 372 -12.53 5.85 -20.53
C GLY C 372 -12.32 4.41 -20.10
N ILE C 373 -12.10 3.54 -21.08
CA ILE C 373 -11.67 2.17 -20.79
C ILE C 373 -10.73 1.80 -21.93
N LEU C 374 -9.63 1.14 -21.59
CA LEU C 374 -8.85 0.39 -22.58
C LEU C 374 -8.03 -0.81 -22.08
N LEU C 375 -7.48 -1.52 -23.05
CA LEU C 375 -6.54 -2.61 -22.77
C LEU C 375 -5.34 -2.58 -23.70
N VAL C 376 -4.16 -2.79 -23.14
CA VAL C 376 -2.96 -2.86 -24.06
C VAL C 376 -1.89 -3.91 -23.78
N GLY C 377 -1.54 -4.65 -24.83
CA GLY C 377 -0.91 -5.90 -24.62
C GLY C 377 -0.17 -6.02 -25.96
N ARG C 378 1.10 -5.63 -25.91
CA ARG C 378 2.02 -5.75 -27.02
C ARG C 378 1.80 -6.82 -28.08
N ALA C 379 1.82 -6.33 -29.33
CA ALA C 379 1.44 -7.11 -30.50
C ALA C 379 2.21 -6.61 -31.78
N ARG C 380 2.38 -7.66 -32.57
CA ARG C 380 2.94 -7.48 -33.92
C ARG C 380 2.26 -6.54 -34.92
N ALA C 381 2.83 -6.46 -36.10
CA ALA C 381 2.08 -5.98 -37.30
C ALA C 381 0.75 -6.69 -37.56
N ASN C 382 0.03 -6.93 -36.48
CA ASN C 382 -1.24 -7.66 -36.57
C ASN C 382 -2.54 -6.90 -36.87
N VAL C 383 -3.40 -7.54 -37.64
CA VAL C 383 -4.58 -6.84 -38.17
C VAL C 383 -5.32 -6.31 -36.94
N VAL C 384 -6.32 -5.49 -37.19
CA VAL C 384 -7.17 -4.99 -36.10
C VAL C 384 -8.36 -4.31 -36.79
N ASN C 385 -8.54 -4.63 -38.05
CA ASN C 385 -9.65 -4.08 -38.82
C ASN C 385 -10.50 -5.00 -39.71
N LEU C 386 -11.79 -4.71 -39.75
CA LEU C 386 -12.69 -5.46 -40.64
C LEU C 386 -12.32 -5.66 -42.12
N LEU C 387 -13.24 -6.25 -42.85
CA LEU C 387 -13.06 -6.40 -44.30
C LEU C 387 -14.45 -6.34 -44.95
CA CA D . -2.71 -5.72 14.96
CA CA E . 15.18 9.20 -1.59
CA CA F . -2.01 -4.16 18.74
CA CA G . 0.89 -17.34 -7.51
CA CA H . 11.74 7.81 0.34
CA CA I . 3.09 -12.79 -7.70
#